data_9KY9
#
_entry.id   9KY9
#
_cell.length_a   61.761
_cell.length_b   90.851
_cell.length_c   74.753
_cell.angle_alpha   90.000
_cell.angle_beta   109.472
_cell.angle_gamma   90.000
#
_symmetry.space_group_name_H-M   'P 1 21 1'
#
loop_
_entity.id
_entity.type
_entity.pdbx_description
1 polymer 'Tryptophan--tRNA ligase'
2 non-polymer '(6~{R})-5,5-dimethyl-7-thia-2-azatricyclo[6.3.1.0^{4,12}]dodeca-1(12),3,8,10-tetraene-6-carboxylic acid'
3 non-polymer 'SULFATE ION'
4 non-polymer "TRYPTOPHANYL-5'AMP"
5 water water
#
_entity_poly.entity_id   1
_entity_poly.type   'polypeptide(L)'
_entity_poly.pdbx_seq_one_letter_code
;MTKPIVFSGAQPSGELTIGNYMGALRQWVNMQDDYHCIYCIVDQHAITVRQDAQKLRKATLDTLALYLACGIDPEKSTIF
VQSHVPEHAQLGWALNCYTYFGELSRMTQFKDKSARYAENINAGLFDYPVLMAADILLYQTNLVPVGEDQKQHLELSRDI
AQRFNALYGEIFKVPEPFIPKSGARVMSLLEPTKKMSKSDDNRNNVIGLLEDPKSVVKKIKRAVTDSDEPPVVRYDVQNK
AGVSNLLDILSAVTGQSIPELEKQFEGKMYGHLKGEVADAVSGMLTELQERYHRFRNDEAFLQQVMKDGAEKASAHASRT
LKAVYEAIGFVAKPHHHHHH
;
_entity_poly.pdbx_strand_id   A,B
#
# COMPACT_ATOMS: atom_id res chain seq x y z
N LYS A 3 1.66 -27.03 -15.36
CA LYS A 3 1.17 -25.98 -16.25
C LYS A 3 1.37 -24.56 -15.68
N PRO A 4 2.12 -23.73 -16.40
CA PRO A 4 2.58 -22.47 -15.81
C PRO A 4 1.44 -21.47 -15.55
N ILE A 5 1.67 -20.61 -14.56
CA ILE A 5 0.73 -19.54 -14.23
C ILE A 5 1.16 -18.29 -14.96
N VAL A 6 0.21 -17.62 -15.62
CA VAL A 6 0.45 -16.41 -16.39
C VAL A 6 -0.45 -15.31 -15.81
N PHE A 7 0.15 -14.18 -15.47
CA PHE A 7 -0.59 -13.05 -14.89
C PHE A 7 -0.51 -11.86 -15.83
N SER A 8 -1.65 -11.27 -16.15
CA SER A 8 -1.69 -10.00 -16.87
C SER A 8 -2.59 -9.02 -16.10
N GLY A 9 -2.16 -7.77 -16.03
CA GLY A 9 -3.02 -6.70 -15.52
C GLY A 9 -3.68 -5.98 -16.68
N ALA A 10 -4.93 -5.57 -16.48
CA ALA A 10 -5.71 -4.83 -17.48
C ALA A 10 -6.15 -3.51 -16.87
N GLN A 11 -5.71 -2.41 -17.47
CA GLN A 11 -6.07 -1.07 -16.98
C GLN A 11 -7.52 -0.77 -17.34
N PRO A 12 -8.38 -0.45 -16.36
CA PRO A 12 -9.78 -0.13 -16.71
C PRO A 12 -9.89 1.10 -17.62
N SER A 13 -8.95 2.03 -17.51
CA SER A 13 -8.90 3.20 -18.39
C SER A 13 -8.36 2.90 -19.79
N GLY A 14 -7.64 1.79 -19.99
CA GLY A 14 -7.12 1.47 -21.31
C GLY A 14 -8.21 1.34 -22.35
N GLU A 15 -8.08 2.08 -23.45
CA GLU A 15 -9.02 2.02 -24.57
C GLU A 15 -8.37 1.14 -25.65
N LEU A 16 -8.76 -0.13 -25.69
CA LEU A 16 -8.03 -1.12 -26.47
C LEU A 16 -8.20 -0.88 -27.97
N THR A 17 -7.20 -1.31 -28.74
CA THR A 17 -7.20 -1.12 -30.18
C THR A 17 -7.14 -2.45 -30.92
N ILE A 18 -7.28 -2.39 -32.25
CA ILE A 18 -7.16 -3.59 -33.06
C ILE A 18 -5.75 -4.14 -32.98
N GLY A 19 -4.77 -3.29 -32.67
CA GLY A 19 -3.43 -3.79 -32.40
C GLY A 19 -3.38 -4.70 -31.18
N ASN A 20 -4.00 -4.26 -30.08
CA ASN A 20 -4.05 -5.11 -28.89
C ASN A 20 -4.84 -6.37 -29.18
N TYR A 21 -5.91 -6.25 -29.95
CA TYR A 21 -6.80 -7.39 -30.11
C TYR A 21 -6.19 -8.44 -31.04
N MET A 22 -5.55 -8.01 -32.13
CA MET A 22 -5.02 -8.96 -33.10
C MET A 22 -3.61 -9.41 -32.76
N GLY A 23 -2.95 -8.73 -31.85
CA GLY A 23 -1.68 -9.15 -31.35
C GLY A 23 -1.90 -9.95 -30.08
N ALA A 24 -1.65 -9.31 -28.93
CA ALA A 24 -1.57 -10.01 -27.65
C ALA A 24 -2.86 -10.73 -27.30
N LEU A 25 -4.00 -10.05 -27.39
CA LEU A 25 -5.24 -10.66 -26.90
C LEU A 25 -5.60 -11.92 -27.69
N ARG A 26 -5.56 -11.85 -29.03
CA ARG A 26 -5.83 -13.03 -29.87
C ARG A 26 -4.84 -14.14 -29.49
N GLN A 27 -3.57 -13.78 -29.36
CA GLN A 27 -2.56 -14.75 -28.96
C GLN A 27 -2.96 -15.45 -27.66
N TRP A 28 -3.31 -14.67 -26.63
CA TRP A 28 -3.58 -15.30 -25.34
C TRP A 28 -4.93 -15.99 -25.30
N VAL A 29 -5.92 -15.51 -26.04
CA VAL A 29 -7.20 -16.19 -26.09
C VAL A 29 -7.05 -17.60 -26.60
N ASN A 30 -6.08 -17.84 -27.49
CA ASN A 30 -5.90 -19.17 -28.04
C ASN A 30 -5.08 -20.08 -27.15
N MET A 31 -4.49 -19.58 -26.06
CA MET A 31 -3.61 -20.37 -25.21
C MET A 31 -4.17 -20.58 -23.80
N GLN A 32 -5.49 -20.48 -23.64
CA GLN A 32 -6.05 -20.55 -22.30
C GLN A 32 -6.11 -21.96 -21.75
N ASP A 33 -5.94 -22.99 -22.58
CA ASP A 33 -5.81 -24.35 -22.08
C ASP A 33 -4.35 -24.76 -21.91
N ASP A 34 -3.43 -24.02 -22.52
CA ASP A 34 -2.01 -24.30 -22.40
C ASP A 34 -1.42 -23.76 -21.10
N TYR A 35 -1.96 -22.67 -20.57
CA TYR A 35 -1.46 -22.02 -19.38
C TYR A 35 -2.62 -21.74 -18.45
N HIS A 36 -2.30 -21.51 -17.18
CA HIS A 36 -3.29 -21.07 -16.21
C HIS A 36 -3.23 -19.54 -16.24
N CYS A 37 -4.12 -18.94 -17.04
CA CYS A 37 -4.10 -17.50 -17.29
C CYS A 37 -4.94 -16.75 -16.25
N ILE A 38 -4.38 -15.66 -15.75
CA ILE A 38 -5.02 -14.81 -14.75
C ILE A 38 -5.07 -13.40 -15.30
N TYR A 39 -6.26 -12.80 -15.30
CA TYR A 39 -6.44 -11.44 -15.76
C TYR A 39 -6.97 -10.60 -14.61
N CYS A 40 -6.26 -9.52 -14.30
CA CYS A 40 -6.58 -8.67 -13.16
C CYS A 40 -6.84 -7.27 -13.66
N ILE A 41 -8.08 -6.80 -13.54
CA ILE A 41 -8.41 -5.42 -13.89
C ILE A 41 -7.96 -4.53 -12.73
N VAL A 42 -6.97 -3.68 -12.97
CA VAL A 42 -6.19 -3.07 -11.88
C VAL A 42 -6.82 -1.71 -11.55
N ASP A 43 -7.93 -1.76 -10.81
CA ASP A 43 -8.55 -0.49 -10.43
C ASP A 43 -7.77 0.22 -9.32
N GLN A 44 -6.93 -0.51 -8.57
CA GLN A 44 -6.10 0.16 -7.58
C GLN A 44 -4.97 0.94 -8.24
N HIS A 45 -4.47 0.48 -9.38
CA HIS A 45 -3.46 1.24 -10.13
C HIS A 45 -4.08 2.47 -10.81
N ALA A 46 -5.35 2.36 -11.22
CA ALA A 46 -6.01 3.44 -11.94
C ALA A 46 -6.07 4.73 -11.12
N ILE A 47 -6.32 4.63 -9.81
CA ILE A 47 -6.54 5.83 -9.01
C ILE A 47 -5.26 6.59 -8.72
N THR A 48 -4.10 6.08 -9.15
CA THR A 48 -2.90 6.89 -9.13
C THR A 48 -2.98 8.08 -10.08
N VAL A 49 -4.00 8.11 -10.94
CA VAL A 49 -4.32 9.25 -11.79
C VAL A 49 -5.71 9.71 -11.40
N ARG A 50 -5.83 10.95 -10.93
CA ARG A 50 -7.12 11.44 -10.47
C ARG A 50 -8.11 11.50 -11.64
N GLN A 51 -9.32 11.06 -11.39
CA GLN A 51 -10.32 10.93 -12.45
C GLN A 51 -11.69 10.82 -11.80
N ASP A 52 -12.71 10.89 -12.64
CA ASP A 52 -14.08 10.90 -12.15
C ASP A 52 -14.46 9.52 -11.65
N ALA A 53 -15.04 9.47 -10.44
CA ALA A 53 -15.32 8.20 -9.80
C ALA A 53 -16.28 7.36 -10.64
N GLN A 54 -17.37 7.96 -11.11
CA GLN A 54 -18.33 7.19 -11.87
C GLN A 54 -17.75 6.72 -13.19
N LYS A 55 -16.92 7.53 -13.83
CA LYS A 55 -16.20 7.09 -15.03
C LYS A 55 -15.36 5.84 -14.75
N LEU A 56 -14.69 5.80 -13.59
CA LEU A 56 -13.84 4.67 -13.26
C LEU A 56 -14.68 3.42 -13.02
N ARG A 57 -15.79 3.56 -12.30
CA ARG A 57 -16.68 2.42 -12.10
C ARG A 57 -17.11 1.84 -13.43
N LYS A 58 -17.50 2.71 -14.36
CA LYS A 58 -18.01 2.23 -15.62
C LYS A 58 -16.90 1.61 -16.46
N ALA A 59 -15.72 2.23 -16.46
CA ALA A 59 -14.62 1.68 -17.24
C ALA A 59 -14.16 0.34 -16.68
N THR A 60 -14.32 0.10 -15.39
CA THR A 60 -14.05 -1.24 -14.86
C THR A 60 -14.98 -2.26 -15.49
N LEU A 61 -16.26 -1.95 -15.56
CA LEU A 61 -17.19 -2.91 -16.16
C LEU A 61 -17.02 -2.98 -17.67
N ASP A 62 -16.68 -1.86 -18.32
CA ASP A 62 -16.41 -1.91 -19.75
C ASP A 62 -15.21 -2.81 -20.06
N THR A 63 -14.14 -2.68 -19.27
CA THR A 63 -12.95 -3.50 -19.49
C THR A 63 -13.28 -4.99 -19.33
N LEU A 64 -14.04 -5.34 -18.30
CA LEU A 64 -14.41 -6.73 -18.09
C LEU A 64 -15.22 -7.27 -19.25
N ALA A 65 -16.26 -6.54 -19.68
CA ALA A 65 -17.05 -7.04 -20.80
C ALA A 65 -16.22 -7.11 -22.08
N LEU A 66 -15.37 -6.10 -22.30
CA LEU A 66 -14.52 -6.09 -23.50
C LEU A 66 -13.56 -7.27 -23.52
N TYR A 67 -12.95 -7.59 -22.38
CA TYR A 67 -12.07 -8.76 -22.33
C TYR A 67 -12.86 -10.04 -22.58
N LEU A 68 -14.07 -10.16 -22.00
CA LEU A 68 -14.90 -11.34 -22.27
C LEU A 68 -15.32 -11.38 -23.74
N ALA A 69 -15.67 -10.22 -24.29
CA ALA A 69 -16.02 -10.16 -25.71
C ALA A 69 -14.92 -10.73 -26.59
N CYS A 70 -13.66 -10.47 -26.22
CA CYS A 70 -12.51 -10.87 -27.02
C CYS A 70 -12.18 -12.33 -26.89
N GLY A 71 -12.84 -13.05 -25.99
CA GLY A 71 -12.57 -14.46 -25.85
C GLY A 71 -11.95 -14.89 -24.55
N ILE A 72 -11.73 -14.01 -23.57
CA ILE A 72 -11.32 -14.51 -22.27
C ILE A 72 -12.50 -15.27 -21.67
N ASP A 73 -12.30 -16.55 -21.37
CA ASP A 73 -13.35 -17.45 -20.93
C ASP A 73 -13.19 -17.69 -19.43
N PRO A 74 -14.10 -17.21 -18.58
CA PRO A 74 -13.84 -17.25 -17.12
C PRO A 74 -13.96 -18.64 -16.53
N GLU A 75 -14.39 -19.63 -17.31
CA GLU A 75 -14.33 -21.02 -16.87
C GLU A 75 -12.95 -21.62 -17.06
N LYS A 76 -12.19 -21.12 -18.03
CA LYS A 76 -10.81 -21.53 -18.25
C LYS A 76 -9.82 -20.63 -17.50
N SER A 77 -9.99 -19.32 -17.63
CA SER A 77 -9.09 -18.35 -17.04
C SER A 77 -9.71 -17.73 -15.79
N THR A 78 -8.85 -17.20 -14.94
CA THR A 78 -9.30 -16.40 -13.79
C THR A 78 -9.29 -14.94 -14.21
N ILE A 79 -10.45 -14.30 -14.20
CA ILE A 79 -10.55 -12.85 -14.41
C ILE A 79 -11.24 -12.21 -13.21
N PHE A 80 -10.67 -11.10 -12.72
CA PHE A 80 -11.18 -10.48 -11.50
C PHE A 80 -10.75 -9.02 -11.43
N VAL A 81 -11.36 -8.29 -10.48
CA VAL A 81 -11.07 -6.89 -10.23
C VAL A 81 -10.12 -6.80 -9.05
N GLN A 82 -9.03 -6.04 -9.21
CA GLN A 82 -7.96 -6.04 -8.23
C GLN A 82 -8.46 -5.74 -6.80
N SER A 83 -9.27 -4.70 -6.64
CA SER A 83 -9.71 -4.28 -5.31
C SER A 83 -10.61 -5.30 -4.62
N HIS A 84 -11.14 -6.29 -5.35
CA HIS A 84 -11.96 -7.34 -4.75
C HIS A 84 -11.15 -8.38 -4.02
N VAL A 85 -9.84 -8.30 -4.10
CA VAL A 85 -8.95 -9.24 -3.44
C VAL A 85 -8.02 -8.43 -2.55
N PRO A 86 -8.32 -8.30 -1.26
CA PRO A 86 -7.51 -7.42 -0.39
C PRO A 86 -6.03 -7.79 -0.33
N GLU A 87 -5.67 -9.05 -0.62
CA GLU A 87 -4.28 -9.51 -0.48
C GLU A 87 -3.32 -8.69 -1.33
N HIS A 88 -3.80 -8.13 -2.44
CA HIS A 88 -2.93 -7.29 -3.26
C HIS A 88 -2.40 -6.10 -2.46
N ALA A 89 -3.30 -5.34 -1.82
CA ALA A 89 -2.86 -4.21 -1.01
C ALA A 89 -2.00 -4.69 0.15
N GLN A 90 -2.36 -5.84 0.75
CA GLN A 90 -1.61 -6.34 1.88
C GLN A 90 -0.18 -6.70 1.49
N LEU A 91 -0.02 -7.51 0.43
CA LEU A 91 1.33 -7.85 -0.03
C LEU A 91 2.01 -6.61 -0.60
N GLY A 92 1.24 -5.69 -1.19
CA GLY A 92 1.82 -4.43 -1.62
C GLY A 92 2.51 -3.69 -0.51
N TRP A 93 1.87 -3.58 0.66
CA TRP A 93 2.52 -2.90 1.77
C TRP A 93 3.75 -3.67 2.23
N ALA A 94 3.60 -4.98 2.44
CA ALA A 94 4.71 -5.78 2.91
C ALA A 94 5.91 -5.68 1.98
N LEU A 95 5.70 -5.86 0.68
CA LEU A 95 6.82 -5.76 -0.27
C LEU A 95 7.45 -4.38 -0.30
N ASN A 96 6.74 -3.36 0.18
CA ASN A 96 7.37 -2.05 0.31
C ASN A 96 8.60 -2.13 1.20
N CYS A 97 8.49 -2.89 2.28
CA CYS A 97 9.51 -3.01 3.29
C CYS A 97 10.73 -3.75 2.80
N TYR A 98 10.65 -4.34 1.60
CA TYR A 98 11.73 -5.09 0.97
C TYR A 98 12.15 -4.49 -0.35
N THR A 99 11.71 -3.27 -0.62
CA THR A 99 11.99 -2.52 -1.83
C THR A 99 12.78 -1.28 -1.44
N TYR A 100 13.97 -1.11 -2.05
CA TYR A 100 14.77 0.08 -1.78
C TYR A 100 14.03 1.32 -2.25
N PHE A 101 14.11 2.37 -1.44
CA PHE A 101 13.58 3.67 -1.89
C PHE A 101 14.25 4.10 -3.18
N GLY A 102 15.57 3.90 -3.30
CA GLY A 102 16.27 4.26 -4.52
C GLY A 102 15.75 3.52 -5.74
N GLU A 103 15.40 2.24 -5.56
CA GLU A 103 14.86 1.47 -6.67
C GLU A 103 13.61 2.11 -7.25
N LEU A 104 12.76 2.67 -6.40
CA LEU A 104 11.54 3.31 -6.92
C LEU A 104 11.85 4.65 -7.57
N SER A 105 12.82 5.39 -7.04
CA SER A 105 13.12 6.70 -7.59
C SER A 105 13.93 6.62 -8.89
N ARG A 106 14.62 5.50 -9.12
CA ARG A 106 15.28 5.21 -10.40
C ARG A 106 14.35 4.55 -11.43
N MET A 107 13.05 4.51 -11.16
CA MET A 107 12.08 4.01 -12.13
C MET A 107 11.75 5.13 -13.12
N THR A 108 11.98 4.86 -14.41
CA THR A 108 11.70 5.84 -15.48
C THR A 108 10.20 6.10 -15.67
N GLN A 109 9.35 5.07 -15.47
CA GLN A 109 7.91 5.28 -15.55
C GLN A 109 7.41 6.22 -14.45
N PHE A 110 8.10 6.24 -13.30
CA PHE A 110 7.87 7.28 -12.31
C PHE A 110 8.48 8.62 -12.72
N LYS A 111 9.46 8.62 -13.63
CA LYS A 111 10.01 9.87 -14.17
C LYS A 111 9.07 10.50 -15.19
N TYR A 117 8.42 14.84 -9.27
CA TYR A 117 8.29 16.17 -8.72
C TYR A 117 7.91 16.11 -7.24
N ALA A 118 7.56 17.26 -6.68
CA ALA A 118 7.12 17.34 -5.30
C ALA A 118 5.86 18.19 -5.17
N GLU A 119 5.06 18.30 -6.25
CA GLU A 119 3.90 19.18 -6.23
C GLU A 119 2.63 18.48 -6.72
N ASN A 120 2.78 17.46 -7.59
CA ASN A 120 1.64 16.63 -7.97
C ASN A 120 1.98 15.16 -8.15
N ILE A 121 3.21 14.75 -7.89
CA ILE A 121 3.44 13.32 -7.83
C ILE A 121 2.78 12.86 -6.55
N ASN A 122 1.60 12.25 -6.63
CA ASN A 122 1.11 11.52 -5.48
C ASN A 122 1.94 10.25 -5.26
N ALA A 123 1.96 9.78 -4.01
CA ALA A 123 2.74 8.59 -3.68
C ALA A 123 2.21 7.32 -4.33
N GLY A 124 0.99 7.32 -4.86
CA GLY A 124 0.53 6.16 -5.59
C GLY A 124 1.30 6.00 -6.89
N LEU A 125 1.56 7.11 -7.57
CA LEU A 125 2.35 7.09 -8.78
C LEU A 125 3.78 6.62 -8.47
N PHE A 126 4.31 7.04 -7.31
CA PHE A 126 5.68 6.67 -6.95
C PHE A 126 5.80 5.19 -6.59
N ASP A 127 4.79 4.64 -5.91
CA ASP A 127 4.88 3.34 -5.28
C ASP A 127 4.22 2.23 -6.10
N TYR A 128 3.54 2.57 -7.18
CA TYR A 128 2.82 1.55 -7.94
C TYR A 128 3.70 0.44 -8.52
N PRO A 129 5.02 0.60 -8.70
CA PRO A 129 5.81 -0.61 -9.02
C PRO A 129 5.76 -1.67 -7.95
N VAL A 130 5.70 -1.28 -6.67
CA VAL A 130 5.63 -2.30 -5.64
C VAL A 130 4.29 -3.01 -5.68
N LEU A 131 3.20 -2.26 -5.87
CA LEU A 131 1.90 -2.90 -6.03
C LEU A 131 1.90 -3.84 -7.22
N MET A 132 2.49 -3.42 -8.34
CA MET A 132 2.58 -4.31 -9.49
C MET A 132 3.38 -5.56 -9.15
N ALA A 133 4.47 -5.43 -8.38
CA ALA A 133 5.20 -6.62 -7.96
C ALA A 133 4.30 -7.52 -7.14
N ALA A 134 3.53 -6.93 -6.21
CA ALA A 134 2.65 -7.73 -5.38
C ALA A 134 1.61 -8.45 -6.23
N ASP A 135 1.04 -7.75 -7.21
CA ASP A 135 0.06 -8.37 -8.08
C ASP A 135 0.60 -9.68 -8.65
N ILE A 136 1.86 -9.65 -9.11
CA ILE A 136 2.43 -10.82 -9.77
C ILE A 136 2.77 -11.91 -8.76
N LEU A 137 3.45 -11.54 -7.68
CA LEU A 137 3.98 -12.56 -6.78
C LEU A 137 2.89 -13.28 -6.01
N LEU A 138 1.73 -12.64 -5.79
CA LEU A 138 0.66 -13.29 -5.03
C LEU A 138 0.30 -14.65 -5.61
N TYR A 139 0.41 -14.81 -6.94
CA TYR A 139 -0.17 -15.95 -7.64
C TYR A 139 0.86 -16.99 -8.07
N GLN A 140 2.08 -16.92 -7.52
CA GLN A 140 3.15 -17.85 -7.88
C GLN A 140 3.41 -17.80 -9.39
N THR A 141 3.35 -16.59 -9.94
CA THR A 141 3.31 -16.41 -11.38
C THR A 141 4.60 -16.87 -12.05
N ASN A 142 4.47 -17.57 -13.17
CA ASN A 142 5.64 -18.04 -13.90
C ASN A 142 5.98 -17.14 -15.06
N LEU A 143 4.97 -16.58 -15.74
CA LEU A 143 5.15 -15.79 -16.94
C LEU A 143 4.32 -14.53 -16.85
N VAL A 144 4.93 -13.41 -17.22
CA VAL A 144 4.21 -12.15 -17.34
C VAL A 144 4.42 -11.63 -18.77
N PRO A 145 3.38 -11.49 -19.58
CA PRO A 145 3.54 -10.78 -20.86
C PRO A 145 3.63 -9.27 -20.62
N VAL A 146 4.82 -8.72 -20.82
CA VAL A 146 5.08 -7.31 -20.59
C VAL A 146 5.49 -6.65 -21.89
N GLY A 147 4.97 -5.45 -22.13
CA GLY A 147 5.43 -4.61 -23.22
C GLY A 147 6.78 -3.99 -22.90
N GLU A 148 7.24 -3.15 -23.82
CA GLU A 148 8.56 -2.55 -23.70
C GLU A 148 8.67 -1.70 -22.42
N ASP A 149 7.65 -0.87 -22.15
CA ASP A 149 7.72 0.05 -21.02
C ASP A 149 7.35 -0.60 -19.70
N GLN A 150 7.14 -1.92 -19.69
CA GLN A 150 6.93 -2.66 -18.47
C GLN A 150 8.10 -3.57 -18.13
N LYS A 151 9.16 -3.56 -18.94
CA LYS A 151 10.30 -4.42 -18.67
C LYS A 151 10.97 -4.07 -17.34
N GLN A 152 11.12 -2.78 -17.04
CA GLN A 152 11.77 -2.40 -15.79
C GLN A 152 10.92 -2.84 -14.58
N HIS A 153 9.60 -2.68 -14.69
CA HIS A 153 8.74 -3.12 -13.60
C HIS A 153 8.83 -4.63 -13.37
N LEU A 154 8.84 -5.43 -14.45
CA LEU A 154 8.99 -6.87 -14.27
C LEU A 154 10.32 -7.21 -13.60
N GLU A 155 11.38 -6.47 -13.94
CA GLU A 155 12.69 -6.74 -13.36
C GLU A 155 12.70 -6.44 -11.86
N LEU A 156 12.04 -5.36 -11.45
CA LEU A 156 11.88 -5.09 -10.02
C LEU A 156 11.19 -6.25 -9.32
N SER A 157 10.15 -6.80 -9.94
CA SER A 157 9.43 -7.91 -9.34
C SER A 157 10.34 -9.11 -9.09
N ARG A 158 11.18 -9.43 -10.08
CA ARG A 158 12.12 -10.54 -9.89
C ARG A 158 13.15 -10.19 -8.83
N ASP A 159 13.60 -8.93 -8.81
CA ASP A 159 14.56 -8.49 -7.80
C ASP A 159 13.96 -8.60 -6.40
N ILE A 160 12.73 -8.09 -6.22
CA ILE A 160 12.07 -8.21 -4.92
C ILE A 160 11.89 -9.67 -4.54
N ALA A 161 11.44 -10.50 -5.49
CA ALA A 161 11.16 -11.89 -5.16
C ALA A 161 12.41 -12.65 -4.75
N GLN A 162 13.53 -12.42 -5.45
CA GLN A 162 14.75 -13.12 -5.08
C GLN A 162 15.32 -12.56 -3.77
N ARG A 163 15.23 -11.25 -3.58
CA ARG A 163 15.60 -10.68 -2.30
C ARG A 163 14.80 -11.28 -1.16
N PHE A 164 13.47 -11.34 -1.32
CA PHE A 164 12.65 -11.91 -0.26
C PHE A 164 12.95 -13.38 -0.07
N ASN A 165 13.14 -14.11 -1.17
CA ASN A 165 13.41 -15.53 -1.07
C ASN A 165 14.76 -15.79 -0.40
N ALA A 166 15.75 -14.94 -0.65
CA ALA A 166 17.07 -15.12 -0.06
C ALA A 166 17.03 -15.03 1.48
N LEU A 167 16.12 -14.20 2.02
CA LEU A 167 15.98 -14.11 3.47
C LEU A 167 15.12 -15.21 4.06
N TYR A 168 14.12 -15.73 3.34
CA TYR A 168 13.10 -16.57 3.97
C TYR A 168 12.84 -17.93 3.30
N GLY A 169 13.41 -18.21 2.12
CA GLY A 169 13.11 -19.44 1.42
C GLY A 169 12.21 -19.20 0.22
N GLU A 170 11.88 -20.29 -0.48
CA GLU A 170 11.14 -20.18 -1.75
C GLU A 170 9.67 -19.87 -1.46
N ILE A 171 9.44 -18.65 -0.96
CA ILE A 171 8.07 -18.21 -0.75
C ILE A 171 7.41 -17.86 -2.07
N PHE A 172 8.13 -17.14 -2.92
CA PHE A 172 7.68 -16.67 -4.23
C PHE A 172 8.31 -17.48 -5.36
N LYS A 173 7.59 -17.55 -6.47
CA LYS A 173 8.20 -17.90 -7.75
C LYS A 173 8.76 -16.64 -8.37
N VAL A 174 9.95 -16.77 -8.95
CA VAL A 174 10.54 -15.69 -9.73
C VAL A 174 9.86 -15.70 -11.09
N PRO A 175 9.12 -14.65 -11.42
CA PRO A 175 8.43 -14.60 -12.72
C PRO A 175 9.41 -14.36 -13.86
N GLU A 176 9.06 -14.90 -15.02
CA GLU A 176 9.86 -14.67 -16.20
C GLU A 176 9.03 -13.91 -17.22
N PRO A 177 9.66 -13.10 -18.07
CA PRO A 177 8.92 -12.47 -19.16
C PRO A 177 8.42 -13.54 -20.11
N PHE A 178 7.28 -13.28 -20.74
CA PHE A 178 6.80 -14.17 -21.80
C PHE A 178 7.38 -13.68 -23.11
N ILE A 179 8.35 -14.41 -23.66
CA ILE A 179 9.18 -13.84 -24.73
C ILE A 179 8.46 -13.77 -26.08
N PRO A 180 7.80 -14.84 -26.57
CA PRO A 180 7.33 -14.81 -27.97
C PRO A 180 6.20 -13.81 -28.25
N LYS A 181 6.38 -13.02 -29.31
CA LYS A 181 5.43 -12.02 -29.74
C LYS A 181 4.38 -12.59 -30.70
N SER A 182 3.21 -11.94 -30.71
CA SER A 182 2.03 -12.44 -31.41
C SER A 182 2.28 -12.69 -32.89
N GLY A 183 3.03 -11.81 -33.55
CA GLY A 183 3.23 -11.97 -34.97
C GLY A 183 2.46 -10.96 -35.78
N ALA A 184 1.22 -10.67 -35.42
CA ALA A 184 0.45 -9.65 -36.12
C ALA A 184 1.14 -8.28 -35.99
N ARG A 185 1.26 -7.59 -37.12
CA ARG A 185 1.96 -6.32 -37.22
C ARG A 185 0.94 -5.22 -37.49
N VAL A 186 0.66 -4.38 -36.49
CA VAL A 186 -0.29 -3.28 -36.66
C VAL A 186 0.38 -1.98 -36.24
N MET A 187 0.48 -1.03 -37.17
CA MET A 187 1.19 0.22 -36.96
C MET A 187 0.24 1.42 -36.99
N SER A 188 0.72 2.54 -36.45
CA SER A 188 -0.08 3.75 -36.38
C SER A 188 -0.44 4.26 -37.78
N LEU A 189 -1.69 4.70 -37.92
CA LEU A 189 -2.23 4.98 -39.24
C LEU A 189 -1.48 6.12 -39.92
N LEU A 190 -1.15 7.16 -39.17
CA LEU A 190 -0.44 8.31 -39.72
C LEU A 190 1.07 8.23 -39.54
N GLU A 191 1.56 7.32 -38.67
CA GLU A 191 2.99 7.13 -38.41
C GLU A 191 3.37 5.65 -38.49
N PRO A 192 3.49 5.08 -39.72
CA PRO A 192 3.72 3.64 -39.84
C PRO A 192 5.13 3.21 -39.48
N THR A 193 5.89 4.10 -38.83
CA THR A 193 7.15 3.72 -38.21
C THR A 193 6.95 3.32 -36.75
N LYS A 194 5.84 3.74 -36.14
CA LYS A 194 5.49 3.48 -34.76
C LYS A 194 4.39 2.42 -34.72
N LYS A 195 4.33 1.67 -33.62
CA LYS A 195 3.31 0.63 -33.48
C LYS A 195 2.03 1.26 -32.96
N MET A 196 0.89 0.80 -33.49
CA MET A 196 -0.39 1.27 -32.99
C MET A 196 -0.46 0.98 -31.49
N SER A 197 -0.76 2.00 -30.71
CA SER A 197 -0.63 1.93 -29.25
C SER A 197 -1.89 2.50 -28.61
N LYS A 198 -2.45 1.78 -27.63
CA LYS A 198 -3.68 2.24 -27.00
C LYS A 198 -3.51 3.56 -26.27
N SER A 199 -2.29 3.92 -25.90
CA SER A 199 -2.01 5.09 -25.11
C SER A 199 -1.56 6.29 -25.95
N ASP A 200 -1.76 6.25 -27.27
CA ASP A 200 -1.45 7.39 -28.12
C ASP A 200 -2.42 8.54 -27.84
N ASP A 201 -1.89 9.75 -27.65
CA ASP A 201 -2.78 10.89 -27.44
C ASP A 201 -3.45 11.32 -28.74
N ASN A 202 -2.82 11.02 -29.88
CA ASN A 202 -3.40 11.26 -31.20
C ASN A 202 -4.28 10.05 -31.55
N ARG A 203 -5.59 10.20 -31.42
CA ARG A 203 -6.47 9.06 -31.63
C ARG A 203 -6.78 8.78 -33.11
N ASN A 204 -6.41 9.66 -34.02
CA ASN A 204 -6.49 9.29 -35.43
C ASN A 204 -5.38 8.32 -35.83
N ASN A 205 -4.49 7.99 -34.90
CA ASN A 205 -3.46 6.99 -35.12
C ASN A 205 -3.96 5.56 -34.94
N VAL A 206 -5.11 5.37 -34.27
CA VAL A 206 -5.53 4.05 -33.83
C VAL A 206 -6.97 3.79 -34.28
N ILE A 207 -7.36 2.51 -34.27
CA ILE A 207 -8.74 2.08 -34.43
C ILE A 207 -9.14 1.34 -33.15
N GLY A 208 -9.91 2.01 -32.29
CA GLY A 208 -10.42 1.38 -31.09
C GLY A 208 -11.44 0.31 -31.40
N LEU A 209 -11.65 -0.59 -30.43
CA LEU A 209 -12.42 -1.79 -30.71
C LEU A 209 -13.91 -1.51 -30.89
N LEU A 210 -14.44 -0.48 -30.21
CA LEU A 210 -15.87 -0.16 -30.23
C LEU A 210 -16.26 0.84 -31.33
N GLU A 211 -15.30 1.30 -32.16
CA GLU A 211 -15.57 2.28 -33.21
C GLU A 211 -16.50 1.75 -34.30
N ASP A 212 -17.38 2.63 -34.81
CA ASP A 212 -18.38 2.19 -35.77
C ASP A 212 -17.83 2.27 -37.19
N PRO A 213 -18.44 1.56 -38.14
CA PRO A 213 -17.82 1.42 -39.47
C PRO A 213 -17.57 2.76 -40.15
N LYS A 214 -18.43 3.74 -39.87
CA LYS A 214 -18.25 5.04 -40.49
C LYS A 214 -17.01 5.72 -39.93
N SER A 215 -16.74 5.54 -38.64
CA SER A 215 -15.52 6.08 -38.07
C SER A 215 -14.28 5.35 -38.58
N VAL A 216 -14.38 4.03 -38.75
CA VAL A 216 -13.24 3.26 -39.26
C VAL A 216 -12.90 3.68 -40.68
N VAL A 217 -13.93 3.96 -41.49
CA VAL A 217 -13.67 4.45 -42.85
C VAL A 217 -12.89 5.75 -42.80
N LYS A 218 -13.24 6.64 -41.87
CA LYS A 218 -12.58 7.94 -41.81
C LYS A 218 -11.10 7.80 -41.49
N LYS A 219 -10.76 6.97 -40.49
CA LYS A 219 -9.35 6.87 -40.11
C LYS A 219 -8.54 6.04 -41.12
N ILE A 220 -9.14 5.00 -41.69
CA ILE A 220 -8.44 4.30 -42.77
C ILE A 220 -8.24 5.23 -43.96
N LYS A 221 -9.26 6.05 -44.27
CA LYS A 221 -9.19 6.88 -45.47
C LYS A 221 -8.08 7.91 -45.37
N ARG A 222 -7.67 8.26 -44.16
CA ARG A 222 -6.60 9.22 -43.92
C ARG A 222 -5.29 8.53 -43.55
N ALA A 223 -5.20 7.21 -43.74
CA ALA A 223 -3.94 6.50 -43.52
C ALA A 223 -2.91 6.87 -44.58
N VAL A 224 -1.68 7.13 -44.15
CA VAL A 224 -0.64 7.63 -45.07
C VAL A 224 -0.30 6.61 -46.17
N THR A 225 0.19 7.14 -47.30
CA THR A 225 0.52 6.34 -48.49
C THR A 225 1.66 7.04 -49.25
N ASP A 226 1.95 6.55 -50.45
CA ASP A 226 3.10 7.00 -51.26
C ASP A 226 2.67 7.21 -52.73
N SER A 227 3.66 7.50 -53.58
CA SER A 227 3.45 7.71 -55.02
C SER A 227 2.47 6.72 -55.66
N PRO A 230 4.73 5.02 -60.58
CA PRO A 230 3.28 4.81 -60.40
C PRO A 230 2.95 4.19 -59.04
N PRO A 231 1.67 4.17 -58.65
CA PRO A 231 1.29 3.51 -57.40
C PRO A 231 1.07 2.01 -57.58
N VAL A 232 1.49 1.23 -56.59
CA VAL A 232 1.44 -0.24 -56.66
C VAL A 232 1.29 -0.81 -55.25
N VAL A 233 0.40 -1.78 -55.09
CA VAL A 233 0.19 -2.45 -53.80
C VAL A 233 1.24 -3.55 -53.69
N ARG A 234 2.29 -3.29 -52.90
CA ARG A 234 3.39 -4.25 -52.76
C ARG A 234 4.07 -4.01 -51.42
N TYR A 235 4.44 -5.08 -50.73
CA TYR A 235 4.95 -5.01 -49.35
C TYR A 235 6.41 -4.56 -49.34
N ASP A 236 6.65 -3.38 -48.77
CA ASP A 236 8.00 -2.82 -48.62
C ASP A 236 7.96 -1.91 -47.41
N VAL A 237 8.50 -2.37 -46.29
CA VAL A 237 8.45 -1.60 -45.06
C VAL A 237 9.33 -0.36 -45.12
N GLN A 238 10.18 -0.24 -46.14
CA GLN A 238 10.97 0.97 -46.33
C GLN A 238 10.26 1.97 -47.24
N ASN A 239 9.99 1.58 -48.49
CA ASN A 239 9.47 2.51 -49.48
C ASN A 239 7.98 2.79 -49.28
N LYS A 240 7.22 1.77 -48.91
CA LYS A 240 5.77 1.84 -48.90
C LYS A 240 5.21 1.45 -47.54
N ALA A 241 5.83 1.99 -46.48
CA ALA A 241 5.51 1.58 -45.11
C ALA A 241 4.01 1.66 -44.85
N GLY A 242 3.39 2.79 -45.18
CA GLY A 242 1.96 2.92 -44.99
C GLY A 242 1.18 1.85 -45.72
N VAL A 243 1.54 1.58 -46.97
CA VAL A 243 0.87 0.54 -47.75
C VAL A 243 1.17 -0.82 -47.17
N SER A 244 2.39 -1.01 -46.65
CA SER A 244 2.74 -2.26 -46.00
C SER A 244 1.91 -2.46 -44.72
N ASN A 245 1.69 -1.38 -43.97
CA ASN A 245 0.87 -1.52 -42.77
C ASN A 245 -0.56 -1.94 -43.11
N LEU A 246 -1.11 -1.39 -44.19
CA LEU A 246 -2.49 -1.72 -44.57
C LEU A 246 -2.61 -3.16 -45.01
N LEU A 247 -1.61 -3.68 -45.72
CA LEU A 247 -1.59 -5.10 -46.08
C LEU A 247 -1.41 -5.97 -44.84
N ASP A 248 -0.62 -5.50 -43.88
CA ASP A 248 -0.43 -6.23 -42.63
C ASP A 248 -1.73 -6.28 -41.81
N ILE A 249 -2.45 -5.17 -41.72
CA ILE A 249 -3.72 -5.18 -40.98
C ILE A 249 -4.72 -6.08 -41.68
N LEU A 250 -4.83 -5.94 -43.00
CA LEU A 250 -5.77 -6.78 -43.76
C LEU A 250 -5.45 -8.24 -43.57
N SER A 251 -4.17 -8.60 -43.74
CA SER A 251 -3.77 -10.00 -43.58
C SER A 251 -4.05 -10.47 -42.16
N ALA A 252 -3.84 -9.58 -41.18
CA ALA A 252 -4.16 -9.87 -39.78
C ALA A 252 -5.65 -10.16 -39.61
N VAL A 253 -6.52 -9.40 -40.27
CA VAL A 253 -7.95 -9.64 -40.13
C VAL A 253 -8.38 -10.91 -40.87
N THR A 254 -7.81 -11.16 -42.05
CA THR A 254 -8.37 -12.17 -42.96
C THR A 254 -7.62 -13.51 -42.97
N GLY A 255 -6.35 -13.52 -42.61
CA GLY A 255 -5.55 -14.70 -42.76
C GLY A 255 -4.92 -14.87 -44.12
N GLN A 256 -5.24 -14.03 -45.10
CA GLN A 256 -4.58 -14.10 -46.40
C GLN A 256 -3.11 -13.72 -46.27
N SER A 257 -2.26 -14.42 -47.02
CA SER A 257 -0.85 -14.11 -47.00
C SER A 257 -0.56 -12.81 -47.76
N ILE A 258 0.57 -12.21 -47.42
CA ILE A 258 0.97 -10.98 -48.11
C ILE A 258 1.18 -11.21 -49.60
N PRO A 259 1.88 -12.28 -50.05
CA PRO A 259 1.90 -12.56 -51.49
C PRO A 259 0.52 -12.79 -52.08
N GLU A 260 -0.39 -13.42 -51.33
CA GLU A 260 -1.74 -13.58 -51.86
C GLU A 260 -2.42 -12.24 -52.02
N LEU A 261 -2.27 -11.35 -51.03
CA LEU A 261 -2.92 -10.04 -51.09
C LEU A 261 -2.37 -9.21 -52.24
N GLU A 262 -1.06 -9.31 -52.51
CA GLU A 262 -0.47 -8.57 -53.63
C GLU A 262 -1.14 -8.94 -54.94
N LYS A 263 -1.39 -10.23 -55.17
CA LYS A 263 -2.05 -10.64 -56.40
C LYS A 263 -3.53 -10.24 -56.40
N GLN A 264 -4.16 -10.14 -55.23
CA GLN A 264 -5.53 -9.65 -55.17
C GLN A 264 -5.63 -8.21 -55.66
N PHE A 265 -4.65 -7.38 -55.27
CA PHE A 265 -4.61 -5.97 -55.62
C PHE A 265 -3.74 -5.72 -56.84
N GLU A 266 -3.53 -6.76 -57.66
CA GLU A 266 -2.92 -6.59 -58.97
C GLU A 266 -3.74 -5.62 -59.80
N GLY A 267 -3.13 -4.50 -60.16
CA GLY A 267 -3.79 -3.51 -60.98
C GLY A 267 -4.81 -2.66 -60.26
N LYS A 268 -5.08 -2.92 -58.99
CA LYS A 268 -5.93 -2.05 -58.18
C LYS A 268 -5.12 -0.95 -57.51
N MET A 269 -5.82 0.09 -57.05
CA MET A 269 -5.21 1.30 -56.54
C MET A 269 -5.28 1.34 -55.01
N TYR A 270 -4.79 2.45 -54.46
CA TYR A 270 -4.69 2.59 -53.01
C TYR A 270 -6.05 2.80 -52.35
N GLY A 271 -7.00 3.39 -53.08
CA GLY A 271 -8.33 3.58 -52.52
C GLY A 271 -9.05 2.27 -52.30
N HIS A 272 -8.89 1.32 -53.23
CA HIS A 272 -9.50 0.01 -53.08
C HIS A 272 -8.87 -0.78 -51.95
N LEU A 273 -7.59 -0.54 -51.69
CA LEU A 273 -6.92 -1.17 -50.56
C LEU A 273 -7.47 -0.66 -49.23
N LYS A 274 -7.56 0.66 -49.08
CA LYS A 274 -8.14 1.22 -47.86
C LYS A 274 -9.59 0.80 -47.70
N GLY A 275 -10.34 0.77 -48.80
CA GLY A 275 -11.71 0.28 -48.72
C GLY A 275 -11.78 -1.16 -48.27
N GLU A 276 -10.90 -2.01 -48.79
CA GLU A 276 -10.88 -3.41 -48.38
C GLU A 276 -10.42 -3.56 -46.93
N VAL A 277 -9.50 -2.70 -46.48
CA VAL A 277 -9.03 -2.75 -45.09
C VAL A 277 -10.15 -2.36 -44.14
N ALA A 278 -10.83 -1.24 -44.43
CA ALA A 278 -11.92 -0.81 -43.56
C ALA A 278 -13.03 -1.84 -43.50
N ASP A 279 -13.37 -2.42 -44.64
CA ASP A 279 -14.46 -3.40 -44.70
C ASP A 279 -14.15 -4.59 -43.81
N ALA A 280 -12.91 -5.07 -43.89
CA ALA A 280 -12.51 -6.23 -43.10
C ALA A 280 -12.40 -5.89 -41.63
N VAL A 281 -11.82 -4.74 -41.29
CA VAL A 281 -11.68 -4.35 -39.88
C VAL A 281 -13.05 -4.15 -39.27
N SER A 282 -13.95 -3.43 -39.96
CA SER A 282 -15.28 -3.21 -39.40
C SER A 282 -16.07 -4.51 -39.32
N GLY A 283 -15.92 -5.40 -40.30
CA GLY A 283 -16.56 -6.70 -40.19
C GLY A 283 -16.15 -7.41 -38.91
N MET A 284 -14.84 -7.51 -38.67
CA MET A 284 -14.34 -8.07 -37.42
C MET A 284 -14.88 -7.32 -36.21
N LEU A 285 -14.80 -5.98 -36.23
CA LEU A 285 -15.27 -5.21 -35.08
C LEU A 285 -16.77 -5.32 -34.87
N THR A 286 -17.53 -5.75 -35.87
CA THR A 286 -18.98 -5.84 -35.70
C THR A 286 -19.37 -7.03 -34.85
N GLU A 287 -18.76 -8.19 -35.07
CA GLU A 287 -19.07 -9.33 -34.20
C GLU A 287 -18.52 -9.11 -32.80
N LEU A 288 -17.35 -8.48 -32.71
CA LEU A 288 -16.77 -8.17 -31.41
C LEU A 288 -17.71 -7.29 -30.60
N GLN A 289 -18.18 -6.20 -31.20
CA GLN A 289 -19.06 -5.25 -30.50
C GLN A 289 -20.36 -5.92 -30.06
N GLU A 290 -20.91 -6.80 -30.91
CA GLU A 290 -22.15 -7.49 -30.59
C GLU A 290 -22.00 -8.32 -29.32
N ARG A 291 -20.89 -9.06 -29.21
CA ARG A 291 -20.59 -9.81 -27.99
C ARG A 291 -20.38 -8.87 -26.80
N TYR A 292 -19.72 -7.73 -27.04
CA TYR A 292 -19.42 -6.79 -25.98
C TYR A 292 -20.70 -6.23 -25.35
N HIS A 293 -21.68 -5.89 -26.18
CA HIS A 293 -22.92 -5.31 -25.66
C HIS A 293 -23.76 -6.38 -24.95
N ARG A 294 -23.74 -7.60 -25.45
CA ARG A 294 -24.43 -8.68 -24.75
C ARG A 294 -23.93 -8.83 -23.32
N PHE A 295 -22.61 -8.89 -23.15
CA PHE A 295 -22.02 -9.06 -21.82
C PHE A 295 -22.20 -7.81 -20.97
N ARG A 296 -22.06 -6.63 -21.60
CA ARG A 296 -22.02 -5.37 -20.87
C ARG A 296 -23.37 -4.96 -20.30
N ASN A 297 -24.46 -5.39 -20.93
CA ASN A 297 -25.79 -5.05 -20.45
C ASN A 297 -26.35 -6.10 -19.49
N ASP A 298 -25.66 -7.22 -19.31
CA ASP A 298 -26.12 -8.29 -18.42
C ASP A 298 -25.40 -8.11 -17.09
N GLU A 299 -25.96 -7.26 -16.24
CA GLU A 299 -25.33 -6.97 -14.96
C GLU A 299 -25.22 -8.20 -14.09
N ALA A 300 -26.21 -9.09 -14.16
CA ALA A 300 -26.13 -10.32 -13.37
C ALA A 300 -24.96 -11.17 -13.82
N PHE A 301 -24.71 -11.19 -15.12
CA PHE A 301 -23.58 -11.96 -15.63
C PHE A 301 -22.26 -11.40 -15.16
N LEU A 302 -22.07 -10.09 -15.32
CA LEU A 302 -20.80 -9.47 -14.94
C LEU A 302 -20.55 -9.61 -13.45
N GLN A 303 -21.60 -9.45 -12.63
CA GLN A 303 -21.46 -9.72 -11.20
C GLN A 303 -21.04 -11.15 -10.95
N GLN A 304 -21.61 -12.10 -11.70
CA GLN A 304 -21.26 -13.50 -11.49
C GLN A 304 -19.79 -13.79 -11.86
N VAL A 305 -19.31 -13.22 -12.97
CA VAL A 305 -17.91 -13.40 -13.36
C VAL A 305 -16.99 -12.80 -12.32
N MET A 306 -17.33 -11.59 -11.86
CA MET A 306 -16.50 -10.89 -10.92
C MET A 306 -16.42 -11.65 -9.59
N LYS A 307 -17.57 -12.15 -9.13
CA LYS A 307 -17.63 -12.93 -7.90
C LYS A 307 -16.83 -14.23 -8.02
N ASP A 308 -17.03 -14.97 -9.11
CA ASP A 308 -16.30 -16.22 -9.33
C ASP A 308 -14.81 -15.99 -9.41
N GLY A 309 -14.40 -15.04 -10.24
CA GLY A 309 -12.99 -14.85 -10.45
C GLY A 309 -12.28 -14.42 -9.19
N ALA A 310 -12.92 -13.54 -8.42
CA ALA A 310 -12.26 -13.02 -7.23
C ALA A 310 -12.08 -14.13 -6.21
N GLU A 311 -13.00 -15.09 -6.18
CA GLU A 311 -12.90 -16.20 -5.24
C GLU A 311 -11.81 -17.17 -5.66
N LYS A 312 -11.74 -17.49 -6.96
CA LYS A 312 -10.60 -18.25 -7.50
C LYS A 312 -9.29 -17.56 -7.17
N ALA A 313 -9.19 -16.26 -7.46
CA ALA A 313 -7.98 -15.51 -7.16
C ALA A 313 -7.68 -15.50 -5.67
N SER A 314 -8.72 -15.39 -4.83
CA SER A 314 -8.48 -15.31 -3.38
C SER A 314 -7.86 -16.58 -2.83
N ALA A 315 -8.28 -17.72 -3.36
CA ALA A 315 -7.72 -18.98 -2.87
C ALA A 315 -6.20 -19.01 -3.05
N HIS A 316 -5.72 -18.56 -4.20
CA HIS A 316 -4.28 -18.57 -4.42
C HIS A 316 -3.58 -17.47 -3.64
N ALA A 317 -4.14 -16.27 -3.65
CA ALA A 317 -3.49 -15.14 -3.00
C ALA A 317 -3.39 -15.34 -1.51
N SER A 318 -4.43 -15.88 -0.87
CA SER A 318 -4.38 -16.03 0.58
C SER A 318 -3.32 -17.05 1.00
N ARG A 319 -3.18 -18.16 0.26
CA ARG A 319 -2.10 -19.10 0.50
C ARG A 319 -0.76 -18.40 0.50
N THR A 320 -0.51 -17.58 -0.52
CA THR A 320 0.79 -16.93 -0.60
C THR A 320 0.95 -15.96 0.56
N LEU A 321 -0.04 -15.10 0.75
CA LEU A 321 0.11 -14.08 1.78
C LEU A 321 0.29 -14.72 3.16
N LYS A 322 -0.38 -15.84 3.40
CA LYS A 322 -0.18 -16.54 4.66
C LYS A 322 1.26 -16.99 4.83
N ALA A 323 1.90 -17.44 3.73
CA ALA A 323 3.31 -17.84 3.76
C ALA A 323 4.22 -16.64 3.99
N VAL A 324 3.90 -15.51 3.36
CA VAL A 324 4.65 -14.27 3.54
C VAL A 324 4.59 -13.83 5.00
N TYR A 325 3.38 -13.82 5.58
CA TYR A 325 3.21 -13.34 6.95
C TYR A 325 3.92 -14.27 7.93
N GLU A 326 3.83 -15.59 7.69
CA GLU A 326 4.53 -16.53 8.55
C GLU A 326 6.03 -16.29 8.52
N ALA A 327 6.60 -16.15 7.31
CA ALA A 327 8.03 -15.94 7.13
C ALA A 327 8.49 -14.64 7.77
N ILE A 328 7.72 -13.56 7.59
CA ILE A 328 8.10 -12.25 8.13
C ILE A 328 8.12 -12.29 9.64
N GLY A 329 7.22 -13.05 10.23
CA GLY A 329 7.11 -13.15 11.66
C GLY A 329 5.89 -12.48 12.28
N PHE A 330 4.84 -12.21 11.51
CA PHE A 330 3.61 -11.74 12.13
C PHE A 330 2.97 -12.88 12.93
N VAL A 331 2.30 -12.51 14.02
CA VAL A 331 1.38 -13.45 14.67
C VAL A 331 0.24 -13.72 13.69
N ALA A 332 -0.05 -15.00 13.46
CA ALA A 332 -1.14 -15.33 12.53
C ALA A 332 -2.50 -14.89 13.09
N LYS A 333 -3.38 -14.45 12.20
CA LYS A 333 -4.69 -14.03 12.68
C LYS A 333 -5.41 -15.24 13.23
N PRO A 334 -5.92 -15.17 14.46
CA PRO A 334 -6.68 -16.31 15.00
C PRO A 334 -7.82 -16.68 14.07
N HIS A 335 -8.05 -17.98 13.93
CA HIS A 335 -9.09 -18.48 13.03
C HIS A 335 -10.38 -18.77 13.79
N THR B 2 -23.22 7.52 20.46
CA THR B 2 -21.89 6.93 20.43
C THR B 2 -20.91 7.93 20.99
N LYS B 3 -19.92 7.44 21.74
CA LYS B 3 -18.89 8.32 22.22
C LYS B 3 -17.93 8.68 21.10
N PRO B 4 -17.23 9.80 21.23
CA PRO B 4 -16.10 10.07 20.34
C PRO B 4 -15.09 8.93 20.42
N ILE B 5 -14.30 8.81 19.37
CA ILE B 5 -13.44 7.65 19.18
C ILE B 5 -12.00 8.08 19.34
N VAL B 6 -11.25 7.27 20.06
CA VAL B 6 -9.80 7.41 20.20
C VAL B 6 -9.12 6.23 19.51
N PHE B 7 -8.06 6.52 18.75
CA PHE B 7 -7.23 5.49 18.14
C PHE B 7 -5.77 5.81 18.39
N SER B 8 -4.96 4.80 18.71
CA SER B 8 -3.52 5.00 18.78
C SER B 8 -2.80 3.67 18.62
N GLY B 9 -1.52 3.73 18.22
CA GLY B 9 -0.73 2.54 17.95
C GLY B 9 0.67 2.63 18.54
N ALA B 10 1.24 1.45 18.78
CA ALA B 10 2.66 1.35 19.12
C ALA B 10 3.25 0.17 18.37
N GLN B 11 4.53 0.30 18.03
CA GLN B 11 5.26 -0.75 17.30
C GLN B 11 5.68 -1.85 18.24
N PRO B 12 5.50 -3.13 17.87
CA PRO B 12 6.21 -4.23 18.55
C PRO B 12 7.63 -4.42 18.01
N SER B 13 8.44 -3.38 18.12
CA SER B 13 9.86 -3.41 17.79
C SER B 13 10.63 -2.82 18.96
N GLY B 14 11.80 -3.41 19.25
CA GLY B 14 12.54 -3.01 20.44
C GLY B 14 11.79 -3.33 21.72
N GLU B 15 12.13 -2.57 22.77
CA GLU B 15 11.51 -2.67 24.08
C GLU B 15 10.90 -1.31 24.42
N LEU B 16 9.64 -1.31 24.83
CA LEU B 16 8.98 -0.05 25.15
C LEU B 16 9.66 0.60 26.35
N THR B 17 9.75 1.92 26.32
CA THR B 17 10.44 2.71 27.33
C THR B 17 9.43 3.45 28.20
N ILE B 18 9.94 4.18 29.19
CA ILE B 18 9.06 5.04 29.98
C ILE B 18 8.64 6.25 29.16
N GLY B 19 9.40 6.60 28.12
CA GLY B 19 8.92 7.58 27.18
C GLY B 19 7.65 7.12 26.47
N ASN B 20 7.61 5.86 26.04
CA ASN B 20 6.38 5.36 25.44
C ASN B 20 5.23 5.41 26.44
N TYR B 21 5.52 5.10 27.71
CA TYR B 21 4.48 5.16 28.74
C TYR B 21 3.97 6.59 28.92
N MET B 22 4.89 7.55 29.15
CA MET B 22 4.41 8.90 29.46
C MET B 22 3.88 9.61 28.24
N GLY B 23 4.37 9.30 27.05
CA GLY B 23 3.87 9.99 25.89
C GLY B 23 2.57 9.42 25.37
N ALA B 24 2.39 8.11 25.45
CA ALA B 24 1.15 7.55 24.94
C ALA B 24 0.37 6.68 25.91
N LEU B 25 1.00 5.63 26.43
CA LEU B 25 0.24 4.57 27.08
C LEU B 25 -0.52 5.09 28.29
N ARG B 26 0.11 5.99 29.05
CA ARG B 26 -0.59 6.56 30.19
C ARG B 26 -1.90 7.19 29.76
N GLN B 27 -1.89 7.94 28.64
CA GLN B 27 -3.10 8.61 28.21
C GLN B 27 -4.12 7.60 27.68
N TRP B 28 -3.63 6.54 27.02
CA TRP B 28 -4.53 5.48 26.54
C TRP B 28 -5.34 4.92 27.69
N VAL B 29 -4.67 4.58 28.78
CA VAL B 29 -5.34 4.01 29.93
C VAL B 29 -6.37 5.02 30.47
N ASN B 30 -5.96 6.27 30.60
CA ASN B 30 -6.81 7.28 31.21
C ASN B 30 -8.04 7.60 30.38
N MET B 31 -8.04 7.30 29.08
CA MET B 31 -9.15 7.71 28.23
C MET B 31 -10.19 6.63 28.02
N GLN B 32 -10.00 5.44 28.58
CA GLN B 32 -10.83 4.30 28.23
C GLN B 32 -12.29 4.49 28.61
N ASP B 33 -12.56 5.23 29.67
CA ASP B 33 -13.98 5.48 30.05
C ASP B 33 -14.54 6.72 29.36
N ASP B 34 -13.74 7.77 29.26
CA ASP B 34 -14.27 9.01 28.71
C ASP B 34 -14.61 8.90 27.24
N TYR B 35 -13.98 7.99 26.50
CA TYR B 35 -14.17 7.87 25.06
C TYR B 35 -14.20 6.40 24.66
N HIS B 36 -14.49 6.15 23.39
CA HIS B 36 -14.45 4.80 22.84
C HIS B 36 -13.08 4.57 22.22
N CYS B 37 -12.25 3.77 22.90
CA CYS B 37 -10.82 3.69 22.62
C CYS B 37 -10.48 2.42 21.84
N ILE B 38 -9.59 2.60 20.85
CA ILE B 38 -9.13 1.52 19.98
C ILE B 38 -7.61 1.59 19.97
N TYR B 39 -6.94 0.51 20.40
CA TYR B 39 -5.49 0.49 20.50
C TYR B 39 -4.89 -0.63 19.65
N CYS B 40 -3.83 -0.30 18.92
CA CYS B 40 -3.31 -1.18 17.88
C CYS B 40 -1.85 -1.50 18.13
N ILE B 41 -1.46 -2.74 17.84
CA ILE B 41 -0.06 -3.14 17.74
C ILE B 41 0.28 -3.16 16.25
N VAL B 42 1.06 -2.17 15.82
CA VAL B 42 1.23 -1.90 14.37
C VAL B 42 2.45 -2.67 13.90
N ASP B 43 2.24 -3.97 13.65
CA ASP B 43 3.34 -4.80 13.20
C ASP B 43 3.71 -4.51 11.75
N GLN B 44 2.75 -4.07 10.91
CA GLN B 44 3.13 -3.68 9.56
C GLN B 44 4.06 -2.48 9.55
N HIS B 45 3.92 -1.58 10.51
CA HIS B 45 4.83 -0.46 10.65
C HIS B 45 6.19 -0.90 11.17
N ALA B 46 6.23 -1.96 11.97
CA ALA B 46 7.49 -2.42 12.57
C ALA B 46 8.46 -2.93 11.50
N ILE B 47 7.96 -3.63 10.48
CA ILE B 47 8.81 -4.28 9.49
C ILE B 47 9.43 -3.27 8.53
N THR B 48 9.08 -1.97 8.65
CA THR B 48 9.83 -0.97 7.91
C THR B 48 11.28 -0.92 8.36
N VAL B 49 11.57 -1.44 9.55
CA VAL B 49 12.92 -1.68 10.03
C VAL B 49 13.11 -3.19 10.13
N ARG B 50 14.16 -3.71 9.49
CA ARG B 50 14.26 -5.15 9.35
C ARG B 50 14.36 -5.82 10.72
N GLN B 51 13.51 -6.82 10.94
CA GLN B 51 13.44 -7.55 12.19
C GLN B 51 13.70 -9.04 11.96
N ASP B 52 14.33 -9.66 12.94
CA ASP B 52 14.30 -11.11 13.01
C ASP B 52 12.85 -11.57 13.16
N ALA B 53 12.46 -12.54 12.34
CA ALA B 53 11.06 -12.96 12.29
C ALA B 53 10.59 -13.55 13.62
N GLN B 54 11.45 -14.35 14.25
CA GLN B 54 11.05 -14.96 15.52
C GLN B 54 10.87 -13.89 16.60
N LYS B 55 11.76 -12.90 16.60
CA LYS B 55 11.67 -11.82 17.58
C LYS B 55 10.41 -10.99 17.34
N LEU B 56 10.09 -10.71 16.08
CA LEU B 56 8.90 -9.91 15.78
C LEU B 56 7.65 -10.59 16.30
N ARG B 57 7.53 -11.90 16.14
CA ARG B 57 6.35 -12.59 16.64
C ARG B 57 6.32 -12.60 18.17
N LYS B 58 7.46 -12.82 18.81
CA LYS B 58 7.50 -12.77 20.26
C LYS B 58 7.26 -11.33 20.76
N ALA B 59 7.84 -10.34 20.09
CA ALA B 59 7.63 -8.94 20.48
C ALA B 59 6.17 -8.49 20.33
N THR B 60 5.43 -9.08 19.38
CA THR B 60 4.03 -8.72 19.24
C THR B 60 3.25 -9.13 20.47
N LEU B 61 3.45 -10.36 20.94
CA LEU B 61 2.77 -10.79 22.16
C LEU B 61 3.28 -10.06 23.40
N ASP B 62 4.56 -9.68 23.43
CA ASP B 62 5.05 -8.85 24.52
C ASP B 62 4.29 -7.54 24.58
N THR B 63 4.13 -6.88 23.42
CA THR B 63 3.49 -5.56 23.41
C THR B 63 2.05 -5.66 23.90
N LEU B 64 1.31 -6.67 23.44
CA LEU B 64 -0.06 -6.86 23.90
C LEU B 64 -0.14 -7.03 25.42
N ALA B 65 0.74 -7.89 25.99
CA ALA B 65 0.74 -8.12 27.44
C ALA B 65 1.13 -6.87 28.19
N LEU B 66 2.01 -6.07 27.59
CA LEU B 66 2.41 -4.80 28.18
C LEU B 66 1.25 -3.80 28.17
N TYR B 67 0.46 -3.77 27.08
CA TYR B 67 -0.76 -2.98 27.07
C TYR B 67 -1.67 -3.39 28.23
N LEU B 68 -1.88 -4.71 28.36
CA LEU B 68 -2.77 -5.20 29.40
C LEU B 68 -2.19 -4.88 30.78
N ALA B 69 -0.88 -5.00 30.93
CA ALA B 69 -0.27 -4.77 32.23
C ALA B 69 -0.37 -3.31 32.65
N CYS B 70 -0.43 -2.39 31.69
CA CYS B 70 -0.60 -0.96 31.94
C CYS B 70 -2.04 -0.58 32.23
N GLY B 71 -2.98 -1.50 32.12
CA GLY B 71 -4.37 -1.20 32.41
C GLY B 71 -5.25 -1.05 31.19
N ILE B 72 -4.73 -1.27 29.99
CA ILE B 72 -5.63 -1.31 28.84
C ILE B 72 -6.52 -2.53 29.02
N ASP B 73 -7.82 -2.29 29.06
CA ASP B 73 -8.80 -3.30 29.44
C ASP B 73 -9.55 -3.74 28.20
N PRO B 74 -9.47 -5.00 27.79
CA PRO B 74 -10.14 -5.41 26.54
C PRO B 74 -11.65 -5.33 26.60
N GLU B 75 -12.25 -5.33 27.80
CA GLU B 75 -13.69 -5.14 27.87
C GLU B 75 -14.08 -3.68 27.71
N LYS B 76 -13.14 -2.76 27.88
CA LYS B 76 -13.35 -1.34 27.64
C LYS B 76 -12.81 -0.88 26.30
N SER B 77 -11.65 -1.37 25.87
CA SER B 77 -11.00 -0.88 24.66
C SER B 77 -10.98 -1.98 23.61
N THR B 78 -10.95 -1.59 22.34
CA THR B 78 -10.60 -2.51 21.28
C THR B 78 -9.07 -2.57 21.17
N ILE B 79 -8.54 -3.79 21.26
CA ILE B 79 -7.10 -4.05 21.14
C ILE B 79 -6.91 -5.06 20.03
N PHE B 80 -6.02 -4.73 19.08
CA PHE B 80 -5.86 -5.62 17.95
C PHE B 80 -4.49 -5.43 17.35
N VAL B 81 -4.10 -6.41 16.56
CA VAL B 81 -2.88 -6.36 15.79
C VAL B 81 -3.21 -5.88 14.39
N GLN B 82 -2.43 -4.91 13.90
CA GLN B 82 -2.73 -4.19 12.67
C GLN B 82 -2.87 -5.14 11.48
N SER B 83 -1.96 -6.11 11.36
CA SER B 83 -2.01 -6.98 10.18
C SER B 83 -3.22 -7.94 10.17
N HIS B 84 -3.92 -8.10 11.30
CA HIS B 84 -5.10 -8.96 11.32
C HIS B 84 -6.32 -8.30 10.72
N VAL B 85 -6.20 -7.05 10.32
CA VAL B 85 -7.30 -6.28 9.75
C VAL B 85 -6.86 -5.81 8.37
N PRO B 86 -7.20 -6.53 7.31
CA PRO B 86 -6.68 -6.20 5.97
C PRO B 86 -7.01 -4.79 5.53
N GLU B 87 -8.07 -4.20 6.10
CA GLU B 87 -8.51 -2.86 5.69
C GLU B 87 -7.43 -1.81 5.90
N HIS B 88 -6.53 -2.00 6.86
CA HIS B 88 -5.46 -1.04 7.01
C HIS B 88 -4.60 -0.98 5.75
N ALA B 89 -4.18 -2.14 5.24
CA ALA B 89 -3.41 -2.12 3.99
C ALA B 89 -4.21 -1.54 2.83
N GLN B 90 -5.49 -1.92 2.72
CA GLN B 90 -6.31 -1.46 1.59
C GLN B 90 -6.42 0.06 1.57
N LEU B 91 -6.83 0.66 2.71
CA LEU B 91 -6.91 2.12 2.76
C LEU B 91 -5.53 2.75 2.67
N GLY B 92 -4.51 2.06 3.20
CA GLY B 92 -3.16 2.55 3.01
C GLY B 92 -2.80 2.74 1.54
N TRP B 93 -3.16 1.78 0.69
CA TRP B 93 -2.89 1.95 -0.74
C TRP B 93 -3.66 3.13 -1.31
N ALA B 94 -4.96 3.19 -1.06
CA ALA B 94 -5.80 4.22 -1.68
C ALA B 94 -5.35 5.64 -1.30
N LEU B 95 -4.99 5.84 -0.03
CA LEU B 95 -4.55 7.16 0.44
C LEU B 95 -3.16 7.54 -0.06
N ASN B 96 -2.40 6.61 -0.60
CA ASN B 96 -1.13 6.97 -1.27
C ASN B 96 -1.48 7.90 -2.44
N CYS B 97 -2.64 7.69 -3.07
CA CYS B 97 -3.02 8.48 -4.23
C CYS B 97 -3.52 9.88 -3.88
N TYR B 98 -3.68 10.17 -2.59
CA TYR B 98 -4.11 11.47 -2.11
C TYR B 98 -3.04 12.07 -1.21
N THR B 99 -1.83 11.53 -1.27
CA THR B 99 -0.65 12.04 -0.60
C THR B 99 0.39 12.44 -1.64
N TYR B 100 0.95 13.64 -1.53
CA TYR B 100 1.99 14.09 -2.43
C TYR B 100 3.37 13.58 -1.99
N PHE B 101 4.26 13.43 -2.96
CA PHE B 101 5.62 12.95 -2.69
C PHE B 101 6.39 13.90 -1.78
N GLY B 102 6.19 15.21 -1.95
CA GLY B 102 6.86 16.18 -1.10
C GLY B 102 6.52 16.03 0.37
N GLU B 103 5.23 15.82 0.69
CA GLU B 103 4.82 15.69 2.09
C GLU B 103 5.59 14.58 2.79
N LEU B 104 5.90 13.49 2.07
CA LEU B 104 6.59 12.35 2.66
C LEU B 104 8.10 12.54 2.73
N SER B 105 8.70 13.23 1.75
CA SER B 105 10.15 13.45 1.78
C SER B 105 10.54 14.54 2.77
N ARG B 106 9.58 15.35 3.23
CA ARG B 106 9.82 16.36 4.25
C ARG B 106 9.76 15.79 5.66
N MET B 107 9.47 14.50 5.83
CA MET B 107 9.15 13.96 7.15
C MET B 107 10.41 13.75 7.98
N THR B 108 10.41 14.28 9.21
CA THR B 108 11.56 14.13 10.11
C THR B 108 11.84 12.66 10.44
N GLN B 109 10.78 11.88 10.67
CA GLN B 109 10.98 10.47 10.97
C GLN B 109 11.64 9.74 9.80
N PHE B 110 11.24 10.06 8.57
CA PHE B 110 11.87 9.43 7.39
C PHE B 110 13.33 9.82 7.25
N LYS B 111 13.66 11.09 7.52
CA LYS B 111 15.05 11.54 7.51
C LYS B 111 15.87 10.85 8.60
N ASP B 112 15.35 10.85 9.83
CA ASP B 112 16.09 10.26 10.96
C ASP B 112 16.28 8.77 10.76
N LYS B 113 15.20 8.08 10.36
CA LYS B 113 15.30 6.64 10.14
C LYS B 113 16.18 6.32 8.93
N SER B 114 16.22 7.24 7.95
CA SER B 114 17.13 7.08 6.82
C SER B 114 18.59 7.05 7.27
N ALA B 115 18.97 8.00 8.15
CA ALA B 115 20.34 8.06 8.65
C ALA B 115 20.66 6.88 9.57
N ARG B 116 19.70 6.46 10.39
CA ARG B 116 19.93 5.35 11.30
C ARG B 116 20.06 4.01 10.56
N TYR B 117 19.29 3.81 9.49
CA TYR B 117 19.23 2.52 8.81
C TYR B 117 19.58 2.66 7.33
N ALA B 118 20.72 3.29 7.03
CA ALA B 118 21.11 3.60 5.66
C ALA B 118 21.27 2.37 4.78
N GLU B 119 21.43 1.18 5.37
CA GLU B 119 21.48 -0.04 4.59
C GLU B 119 20.10 -0.53 4.15
N ASN B 120 19.03 0.02 4.72
CA ASN B 120 17.65 -0.42 4.45
C ASN B 120 16.72 0.79 4.34
N ILE B 121 17.09 1.78 3.52
CA ILE B 121 16.16 2.88 3.28
C ILE B 121 15.12 2.39 2.27
N ASN B 122 14.04 1.80 2.78
CA ASN B 122 13.05 1.15 1.95
C ASN B 122 11.82 2.03 1.78
N ALA B 123 10.97 1.63 0.84
CA ALA B 123 9.79 2.42 0.48
C ALA B 123 8.71 2.36 1.56
N GLY B 124 8.71 1.31 2.38
CA GLY B 124 7.82 1.29 3.54
C GLY B 124 8.20 2.35 4.54
N LEU B 125 9.50 2.52 4.78
CA LEU B 125 9.98 3.63 5.58
C LEU B 125 9.49 4.97 5.03
N PHE B 126 9.55 5.12 3.70
CA PHE B 126 9.09 6.35 3.06
C PHE B 126 7.57 6.51 3.20
N ASP B 127 6.81 5.46 2.90
CA ASP B 127 5.35 5.45 2.85
C ASP B 127 4.69 5.35 4.24
N TYR B 128 5.45 5.14 5.28
CA TYR B 128 5.05 5.03 6.67
C TYR B 128 3.90 5.96 7.04
N PRO B 129 3.96 7.26 6.76
CA PRO B 129 2.86 8.15 7.21
C PRO B 129 1.51 7.80 6.60
N VAL B 130 1.48 7.28 5.38
CA VAL B 130 0.22 7.01 4.70
C VAL B 130 -0.49 5.84 5.35
N LEU B 131 0.23 4.76 5.65
CA LEU B 131 -0.40 3.66 6.38
C LEU B 131 -0.86 4.13 7.77
N MET B 132 -0.05 4.96 8.45
CA MET B 132 -0.48 5.59 9.71
C MET B 132 -1.78 6.37 9.56
N ALA B 133 -1.85 7.24 8.55
CA ALA B 133 -3.11 7.91 8.24
C ALA B 133 -4.23 6.90 8.04
N ALA B 134 -3.95 5.81 7.33
CA ALA B 134 -4.99 4.81 7.10
C ALA B 134 -5.43 4.19 8.40
N ASP B 135 -4.48 3.86 9.28
CA ASP B 135 -4.86 3.34 10.60
C ASP B 135 -5.85 4.29 11.28
N ILE B 136 -5.55 5.58 11.27
CA ILE B 136 -6.35 6.54 12.03
C ILE B 136 -7.72 6.73 11.40
N LEU B 137 -7.75 6.97 10.06
CA LEU B 137 -8.96 7.36 9.37
C LEU B 137 -9.96 6.22 9.23
N LEU B 138 -9.52 4.97 9.35
CA LEU B 138 -10.46 3.85 9.23
C LEU B 138 -11.53 3.85 10.33
N TYR B 139 -11.23 4.39 11.52
CA TYR B 139 -12.15 4.19 12.63
C TYR B 139 -13.00 5.41 12.96
N GLN B 140 -13.04 6.39 12.04
CA GLN B 140 -13.75 7.65 12.27
C GLN B 140 -13.21 8.34 13.52
N THR B 141 -11.90 8.36 13.66
CA THR B 141 -11.22 8.75 14.87
C THR B 141 -11.35 10.24 15.19
N ASN B 142 -11.69 10.57 16.43
CA ASN B 142 -11.75 11.96 16.85
C ASN B 142 -10.44 12.41 17.49
N LEU B 143 -9.75 11.52 18.22
CA LEU B 143 -8.56 11.87 18.99
C LEU B 143 -7.46 10.82 18.82
N VAL B 144 -6.22 11.30 18.72
CA VAL B 144 -5.07 10.40 18.64
C VAL B 144 -4.05 10.75 19.71
N PRO B 145 -3.99 9.98 20.81
CA PRO B 145 -3.01 10.23 21.87
C PRO B 145 -1.64 9.69 21.50
N VAL B 146 -0.71 10.60 21.24
CA VAL B 146 0.64 10.22 20.85
C VAL B 146 1.62 11.17 21.52
N GLY B 147 2.87 10.77 21.54
CA GLY B 147 3.90 11.68 21.97
C GLY B 147 4.22 12.74 20.91
N GLU B 148 5.09 13.66 21.30
CA GLU B 148 5.39 14.82 20.48
C GLU B 148 5.99 14.42 19.14
N ASP B 149 6.72 13.31 19.11
CA ASP B 149 7.41 12.92 17.89
C ASP B 149 6.48 12.42 16.79
N GLN B 150 5.21 12.16 17.09
CA GLN B 150 4.27 11.74 16.05
C GLN B 150 3.44 12.89 15.51
N LYS B 151 3.69 14.11 15.98
CA LYS B 151 2.82 15.24 15.67
C LYS B 151 2.83 15.56 14.17
N GLN B 152 3.99 15.53 13.53
CA GLN B 152 4.04 15.76 12.10
C GLN B 152 3.25 14.69 11.36
N HIS B 153 3.43 13.42 11.74
CA HIS B 153 2.64 12.35 11.15
C HIS B 153 1.15 12.61 11.33
N LEU B 154 0.74 13.03 12.53
CA LEU B 154 -0.67 13.23 12.79
C LEU B 154 -1.22 14.38 11.93
N GLU B 155 -0.41 15.42 11.71
CA GLU B 155 -0.86 16.53 10.88
C GLU B 155 -1.03 16.13 9.42
N LEU B 156 -0.22 15.20 8.91
CA LEU B 156 -0.43 14.75 7.54
C LEU B 156 -1.77 14.04 7.41
N SER B 157 -2.12 13.21 8.39
CA SER B 157 -3.37 12.49 8.29
C SER B 157 -4.58 13.43 8.39
N ARG B 158 -4.48 14.55 9.12
CA ARG B 158 -5.53 15.56 9.03
C ARG B 158 -5.60 16.18 7.64
N ASP B 159 -4.43 16.45 7.03
CA ASP B 159 -4.38 17.03 5.68
C ASP B 159 -4.90 16.06 4.62
N ILE B 160 -4.54 14.77 4.70
CA ILE B 160 -5.10 13.76 3.80
C ILE B 160 -6.60 13.63 4.04
N ALA B 161 -7.04 13.69 5.30
CA ALA B 161 -8.47 13.59 5.59
C ALA B 161 -9.23 14.73 4.92
N GLN B 162 -8.74 15.95 5.06
CA GLN B 162 -9.47 17.12 4.53
C GLN B 162 -9.43 17.11 3.00
N ARG B 163 -8.27 16.77 2.44
CA ARG B 163 -8.13 16.67 0.99
C ARG B 163 -9.15 15.68 0.40
N PHE B 164 -9.22 14.48 0.97
CA PHE B 164 -10.18 13.50 0.50
C PHE B 164 -11.61 14.00 0.67
N ASN B 165 -11.93 14.48 1.87
CA ASN B 165 -13.30 14.89 2.15
C ASN B 165 -13.75 15.97 1.20
N ALA B 166 -12.86 16.91 0.89
CA ALA B 166 -13.26 18.00 0.00
C ALA B 166 -13.60 17.49 -1.39
N LEU B 167 -12.97 16.38 -1.81
CA LEU B 167 -13.36 15.79 -3.08
C LEU B 167 -14.68 15.05 -2.99
N TYR B 168 -14.92 14.32 -1.88
CA TYR B 168 -15.88 13.23 -1.91
C TYR B 168 -17.02 13.36 -0.94
N GLY B 169 -16.95 14.28 0.01
CA GLY B 169 -17.93 14.35 1.07
C GLY B 169 -17.29 14.00 2.41
N GLU B 170 -18.15 13.87 3.41
CA GLU B 170 -17.74 13.72 4.80
C GLU B 170 -17.40 12.25 5.06
N ILE B 171 -16.36 11.78 4.37
CA ILE B 171 -16.06 10.36 4.48
C ILE B 171 -15.28 10.07 5.74
N PHE B 172 -14.28 10.91 6.02
CA PHE B 172 -13.42 10.78 7.19
C PHE B 172 -13.73 11.89 8.19
N LYS B 173 -13.58 11.55 9.47
CA LYS B 173 -13.41 12.55 10.49
C LYS B 173 -12.02 13.15 10.40
N VAL B 174 -11.93 14.46 10.62
CA VAL B 174 -10.61 15.08 10.76
C VAL B 174 -10.17 14.85 12.19
N PRO B 175 -9.10 14.10 12.42
CA PRO B 175 -8.66 13.80 13.79
C PRO B 175 -7.89 14.95 14.42
N GLU B 176 -7.78 14.90 15.74
CA GLU B 176 -6.99 15.93 16.43
C GLU B 176 -5.94 15.23 17.29
N PRO B 177 -4.73 15.80 17.41
CA PRO B 177 -3.72 15.23 18.30
C PRO B 177 -4.12 15.41 19.76
N PHE B 178 -3.76 14.43 20.59
CA PHE B 178 -3.84 14.60 22.02
C PHE B 178 -2.47 14.32 22.61
N ILE B 179 -1.69 15.37 22.82
CA ILE B 179 -0.29 15.27 23.21
C ILE B 179 -0.14 15.87 24.60
N PRO B 180 0.43 15.15 25.56
CA PRO B 180 0.45 15.64 26.94
C PRO B 180 1.29 16.91 27.10
N LYS B 181 0.82 17.79 28.01
CA LYS B 181 1.60 18.96 28.40
C LYS B 181 2.93 18.56 29.03
N SER B 182 2.93 17.56 29.91
CA SER B 182 4.16 17.05 30.50
C SER B 182 4.40 15.60 30.08
N GLY B 183 5.65 15.31 29.73
CA GLY B 183 6.04 13.96 29.36
C GLY B 183 5.77 13.60 27.93
N ALA B 184 5.59 14.60 27.05
CA ALA B 184 5.37 14.38 25.63
C ALA B 184 6.66 14.04 24.91
N ARG B 185 7.79 14.51 25.40
CA ARG B 185 9.09 14.15 24.84
C ARG B 185 10.04 13.88 26.04
N VAL B 186 9.95 12.66 26.56
CA VAL B 186 10.83 12.24 27.64
C VAL B 186 12.26 12.18 27.14
N MET B 187 13.18 12.79 27.88
CA MET B 187 14.56 12.99 27.43
C MET B 187 15.50 11.87 27.86
N SER B 188 16.67 11.81 27.25
CA SER B 188 17.67 10.80 27.58
C SER B 188 18.33 11.09 28.93
N LEU B 189 18.63 10.03 29.68
CA LEU B 189 19.12 10.20 31.05
C LEU B 189 20.50 10.83 31.09
N LEU B 190 21.41 10.39 30.21
CA LEU B 190 22.76 10.94 30.18
C LEU B 190 22.91 12.08 29.18
N GLU B 191 21.83 12.45 28.53
CA GLU B 191 21.86 13.43 27.45
C GLU B 191 20.50 14.07 27.30
N PRO B 192 20.08 14.94 28.24
CA PRO B 192 18.69 15.40 28.27
C PRO B 192 18.30 16.38 27.18
N THR B 193 19.19 16.67 26.24
CA THR B 193 18.77 17.42 25.06
C THR B 193 18.34 16.49 23.93
N LYS B 194 18.50 15.18 24.10
CA LYS B 194 18.09 14.17 23.13
C LYS B 194 16.92 13.36 23.68
N LYS B 195 15.93 13.11 22.83
CA LYS B 195 14.76 12.35 23.26
C LYS B 195 15.18 10.93 23.60
N MET B 196 14.50 10.36 24.60
CA MET B 196 14.74 8.96 24.95
C MET B 196 14.21 8.04 23.84
N SER B 197 15.07 7.21 23.26
CA SER B 197 14.70 6.36 22.13
C SER B 197 14.90 4.88 22.45
N LYS B 198 13.95 4.03 22.01
CA LYS B 198 14.13 2.58 22.11
C LYS B 198 15.45 2.12 21.48
N SER B 199 15.86 2.74 20.38
CA SER B 199 16.96 2.22 19.57
C SER B 199 18.32 2.77 19.99
N ASP B 200 18.39 3.47 21.12
CA ASP B 200 19.66 4.06 21.55
C ASP B 200 20.71 2.99 21.80
N ASP B 201 21.90 3.20 21.25
CA ASP B 201 22.98 2.27 21.58
C ASP B 201 23.48 2.49 23.00
N ASN B 202 23.43 3.71 23.49
CA ASN B 202 23.80 3.99 24.89
C ASN B 202 22.62 3.66 25.77
N ARG B 203 22.57 2.43 26.29
CA ARG B 203 21.42 1.95 27.05
C ARG B 203 21.27 2.62 28.40
N ASN B 204 22.28 3.36 28.87
CA ASN B 204 22.13 4.13 30.10
C ASN B 204 21.26 5.37 29.90
N ASN B 205 20.90 5.69 28.67
CA ASN B 205 19.99 6.77 28.36
C ASN B 205 18.53 6.40 28.54
N VAL B 206 18.22 5.10 28.67
CA VAL B 206 16.88 4.56 28.44
C VAL B 206 16.39 3.83 29.67
N ILE B 207 15.12 4.07 30.02
CA ILE B 207 14.39 3.30 31.03
C ILE B 207 13.42 2.39 30.27
N GLY B 208 13.62 1.08 30.36
CA GLY B 208 12.73 0.15 29.70
C GLY B 208 11.63 -0.31 30.66
N LEU B 209 10.43 -0.48 30.13
CA LEU B 209 9.31 -0.82 30.99
C LEU B 209 9.46 -2.23 31.53
N LEU B 210 10.20 -3.09 30.82
CA LEU B 210 10.45 -4.47 31.20
C LEU B 210 11.86 -4.68 31.76
N GLU B 211 12.62 -3.62 31.92
CA GLU B 211 13.98 -3.70 32.46
C GLU B 211 13.93 -4.01 33.95
N ASP B 212 14.96 -4.69 34.42
CA ASP B 212 15.13 -5.01 35.84
C ASP B 212 15.10 -3.71 36.64
N PRO B 213 14.20 -3.59 37.61
CA PRO B 213 14.10 -2.33 38.36
C PRO B 213 15.44 -1.92 38.98
N LYS B 214 16.26 -2.89 39.40
CA LYS B 214 17.53 -2.58 40.03
C LYS B 214 18.44 -1.84 39.06
N SER B 215 18.41 -2.24 37.80
CA SER B 215 19.17 -1.53 36.78
C SER B 215 18.57 -0.17 36.46
N VAL B 216 17.25 -0.04 36.53
CA VAL B 216 16.63 1.27 36.29
C VAL B 216 17.03 2.24 37.40
N VAL B 217 17.05 1.75 38.65
CA VAL B 217 17.45 2.60 39.77
C VAL B 217 18.87 3.10 39.57
N LYS B 218 19.78 2.21 39.19
CA LYS B 218 21.15 2.64 38.92
C LYS B 218 21.18 3.72 37.84
N LYS B 219 20.39 3.55 36.78
CA LYS B 219 20.44 4.52 35.70
C LYS B 219 19.88 5.87 36.13
N ILE B 220 18.81 5.85 36.91
CA ILE B 220 18.20 7.11 37.31
C ILE B 220 19.15 7.86 38.24
N LYS B 221 19.80 7.16 39.16
CA LYS B 221 20.68 7.87 40.09
C LYS B 221 21.88 8.49 39.40
N ARG B 222 22.15 8.16 38.13
CA ARG B 222 23.26 8.76 37.40
C ARG B 222 22.79 9.73 36.33
N ALA B 223 21.50 10.07 36.31
CA ALA B 223 20.99 11.03 35.34
C ALA B 223 21.74 12.34 35.49
N VAL B 224 22.03 12.98 34.38
CA VAL B 224 22.80 14.20 34.46
C VAL B 224 21.84 15.33 34.77
N THR B 225 22.36 16.33 35.46
CA THR B 225 21.57 17.46 35.93
C THR B 225 22.39 18.71 35.67
N ASP B 226 21.80 19.86 35.90
CA ASP B 226 22.50 21.08 35.57
C ASP B 226 23.56 21.40 36.63
N SER B 227 24.23 22.54 36.44
CA SER B 227 25.26 23.00 37.35
C SER B 227 24.89 24.37 37.94
N ASP B 228 23.59 24.58 38.19
CA ASP B 228 23.16 25.75 38.93
C ASP B 228 23.84 25.77 40.29
N GLU B 229 24.27 26.95 40.72
CA GLU B 229 24.72 27.18 42.10
C GLU B 229 23.85 28.24 42.75
N PRO B 230 23.15 27.90 43.83
CA PRO B 230 23.04 26.56 44.40
C PRO B 230 22.10 25.71 43.56
N PRO B 231 22.20 24.38 43.68
CA PRO B 231 21.23 23.51 43.00
C PRO B 231 19.81 23.76 43.48
N VAL B 232 18.89 23.87 42.53
CA VAL B 232 17.47 24.01 42.86
C VAL B 232 16.64 23.09 41.98
N VAL B 233 15.77 22.32 42.62
CA VAL B 233 14.77 21.50 41.93
C VAL B 233 13.65 22.44 41.50
N ARG B 234 13.78 22.99 40.30
CA ARG B 234 12.76 23.83 39.68
C ARG B 234 12.49 23.32 38.27
N TYR B 235 11.24 23.38 37.84
CA TYR B 235 10.85 22.87 36.53
C TYR B 235 11.13 23.94 35.49
N ASP B 236 12.08 23.66 34.60
CA ASP B 236 12.42 24.60 33.55
C ASP B 236 13.08 23.74 32.46
N VAL B 237 12.31 23.41 31.42
CA VAL B 237 12.74 22.44 30.43
C VAL B 237 13.92 22.95 29.60
N GLN B 238 13.96 24.25 29.33
CA GLN B 238 15.04 24.82 28.55
C GLN B 238 16.36 24.82 29.32
N ASN B 239 16.41 25.55 30.45
CA ASN B 239 17.65 25.76 31.17
C ASN B 239 17.93 24.71 32.24
N LYS B 240 16.99 23.81 32.51
CA LYS B 240 17.15 22.78 33.53
C LYS B 240 16.66 21.43 32.98
N ALA B 241 17.21 21.04 31.83
CA ALA B 241 16.66 19.91 31.07
C ALA B 241 16.59 18.64 31.90
N GLY B 242 17.72 18.22 32.48
CA GLY B 242 17.72 16.99 33.25
C GLY B 242 16.76 17.02 34.42
N VAL B 243 16.78 18.11 35.20
CA VAL B 243 15.94 18.21 36.39
C VAL B 243 14.47 18.15 36.00
N SER B 244 14.09 18.90 34.97
CA SER B 244 12.71 18.89 34.52
C SER B 244 12.29 17.51 34.03
N ASN B 245 13.20 16.82 33.33
CA ASN B 245 12.87 15.47 32.84
C ASN B 245 12.58 14.55 34.01
N LEU B 246 13.37 14.64 35.08
CA LEU B 246 13.14 13.82 36.27
C LEU B 246 11.81 14.18 36.96
N LEU B 247 11.49 15.48 37.04
CA LEU B 247 10.20 15.90 37.55
C LEU B 247 9.06 15.32 36.70
N ASP B 248 9.17 15.44 35.36
CA ASP B 248 8.21 14.80 34.46
C ASP B 248 8.03 13.33 34.78
N ILE B 249 9.14 12.60 34.92
CA ILE B 249 9.07 11.17 35.21
C ILE B 249 8.43 10.92 36.59
N LEU B 250 8.80 11.73 37.58
CA LEU B 250 8.20 11.52 38.90
C LEU B 250 6.70 11.74 38.86
N SER B 251 6.27 12.78 38.15
CA SER B 251 4.85 13.13 38.11
C SER B 251 4.03 12.06 37.38
N ALA B 252 4.62 11.42 36.36
CA ALA B 252 3.96 10.32 35.65
C ALA B 252 3.81 9.07 36.51
N VAL B 253 4.67 8.92 37.53
CA VAL B 253 4.55 7.76 38.42
C VAL B 253 3.63 8.03 39.61
N THR B 254 3.55 9.27 40.08
CA THR B 254 2.81 9.55 41.30
C THR B 254 1.45 10.19 41.05
N GLY B 255 1.28 10.88 39.94
CA GLY B 255 0.07 11.60 39.69
C GLY B 255 0.02 13.00 40.28
N GLN B 256 1.10 13.46 40.88
CA GLN B 256 1.14 14.80 41.42
C GLN B 256 1.60 15.80 40.37
N SER B 257 1.11 17.03 40.50
CA SER B 257 1.43 18.08 39.55
C SER B 257 2.88 18.49 39.68
N ILE B 258 3.38 19.12 38.62
CA ILE B 258 4.74 19.67 38.67
C ILE B 258 4.89 20.67 39.82
N PRO B 259 4.00 21.65 40.02
CA PRO B 259 4.16 22.55 41.18
C PRO B 259 4.04 21.85 42.53
N GLU B 260 3.21 20.82 42.68
CA GLU B 260 3.21 20.11 43.95
C GLU B 260 4.55 19.40 44.17
N LEU B 261 5.24 19.02 43.09
CA LEU B 261 6.58 18.46 43.21
C LEU B 261 7.64 19.53 43.46
N GLU B 262 7.50 20.72 42.86
CA GLU B 262 8.46 21.78 43.16
C GLU B 262 8.43 22.15 44.65
N LYS B 263 7.24 22.21 45.25
CA LYS B 263 7.14 22.49 46.69
C LYS B 263 7.69 21.34 47.51
N GLN B 264 7.43 20.10 47.09
CA GLN B 264 7.92 18.96 47.84
C GLN B 264 9.44 18.97 47.94
N PHE B 265 10.13 19.57 46.97
CA PHE B 265 11.59 19.53 46.87
C PHE B 265 12.23 20.87 47.18
N GLU B 266 11.50 21.80 47.80
CA GLU B 266 12.13 23.01 48.31
C GLU B 266 13.14 22.64 49.38
N GLY B 267 14.31 23.26 49.33
CA GLY B 267 15.36 22.89 50.26
C GLY B 267 15.97 21.53 49.99
N LYS B 268 15.82 21.02 48.78
CA LYS B 268 16.27 19.69 48.42
C LYS B 268 17.22 19.76 47.23
N MET B 269 18.14 18.83 47.20
CA MET B 269 19.17 18.87 46.18
C MET B 269 18.96 17.71 45.20
N TYR B 270 19.82 17.66 44.17
CA TYR B 270 19.58 16.75 43.06
C TYR B 270 19.74 15.29 43.47
N GLY B 271 20.66 15.02 44.39
CA GLY B 271 20.82 13.64 44.83
C GLY B 271 19.56 13.10 45.45
N HIS B 272 18.90 13.91 46.29
CA HIS B 272 17.64 13.49 46.87
C HIS B 272 16.57 13.35 45.79
N LEU B 273 16.57 14.26 44.82
CA LEU B 273 15.59 14.21 43.74
C LEU B 273 15.69 12.89 42.98
N LYS B 274 16.89 12.58 42.46
CA LYS B 274 17.06 11.35 41.69
C LYS B 274 16.77 10.10 42.54
N GLY B 275 17.03 10.16 43.85
CA GLY B 275 16.73 9.00 44.69
C GLY B 275 15.24 8.75 44.79
N GLU B 276 14.45 9.82 44.91
CA GLU B 276 13.00 9.70 44.94
C GLU B 276 12.45 9.24 43.60
N VAL B 277 12.97 9.79 42.50
CA VAL B 277 12.55 9.35 41.18
C VAL B 277 12.83 7.86 41.01
N ALA B 278 14.06 7.45 41.33
CA ALA B 278 14.43 6.03 41.26
C ALA B 278 13.50 5.18 42.11
N ASP B 279 13.25 5.60 43.36
CA ASP B 279 12.38 4.82 44.24
C ASP B 279 10.97 4.70 43.65
N ALA B 280 10.40 5.82 43.16
CA ALA B 280 9.06 5.78 42.59
C ALA B 280 9.02 5.00 41.27
N VAL B 281 10.00 5.18 40.40
CA VAL B 281 10.04 4.44 39.14
C VAL B 281 10.27 2.95 39.40
N SER B 282 11.10 2.62 40.40
CA SER B 282 11.31 1.22 40.73
C SER B 282 10.02 0.54 41.12
N GLY B 283 9.23 1.20 41.97
CA GLY B 283 8.00 0.58 42.44
C GLY B 283 6.99 0.37 41.34
N MET B 284 6.84 1.37 40.46
CA MET B 284 5.87 1.27 39.38
C MET B 284 6.24 0.13 38.41
N LEU B 285 7.52 0.05 38.04
CA LEU B 285 7.96 -1.03 37.15
C LEU B 285 7.84 -2.40 37.84
N THR B 286 8.14 -2.47 39.15
CA THR B 286 7.99 -3.73 39.87
C THR B 286 6.55 -4.22 39.81
N GLU B 287 5.57 -3.34 40.00
CA GLU B 287 4.18 -3.79 39.93
C GLU B 287 3.73 -4.04 38.51
N LEU B 288 4.23 -3.25 37.56
CA LEU B 288 3.87 -3.45 36.15
C LEU B 288 4.37 -4.80 35.65
N GLN B 289 5.57 -5.18 36.06
CA GLN B 289 6.18 -6.43 35.58
C GLN B 289 5.50 -7.65 36.17
N GLU B 290 4.94 -7.55 37.38
CA GLU B 290 4.16 -8.66 37.95
C GLU B 290 2.88 -8.89 37.17
N ARG B 291 2.17 -7.82 36.81
CA ARG B 291 1.00 -7.95 35.97
C ARG B 291 1.39 -8.45 34.59
N TYR B 292 2.48 -7.92 34.05
CA TYR B 292 2.92 -8.28 32.71
C TYR B 292 3.11 -9.79 32.60
N HIS B 293 3.79 -10.39 33.57
CA HIS B 293 4.06 -11.82 33.50
C HIS B 293 2.79 -12.66 33.61
N ARG B 294 1.81 -12.21 34.40
CA ARG B 294 0.56 -12.95 34.47
C ARG B 294 -0.19 -12.92 33.14
N PHE B 295 -0.19 -11.78 32.44
CA PHE B 295 -0.81 -11.73 31.11
C PHE B 295 0.05 -12.45 30.09
N ARG B 296 1.37 -12.24 30.14
CA ARG B 296 2.27 -12.71 29.08
C ARG B 296 2.32 -14.22 28.99
N ASN B 297 2.20 -14.89 30.13
CA ASN B 297 2.34 -16.34 30.20
C ASN B 297 1.05 -17.06 29.84
N ASP B 298 -0.05 -16.34 29.70
CA ASP B 298 -1.32 -16.94 29.29
C ASP B 298 -1.57 -16.64 27.81
N GLU B 299 -0.80 -17.30 26.95
CA GLU B 299 -0.90 -17.02 25.53
C GLU B 299 -2.29 -17.34 24.97
N ALA B 300 -3.03 -18.27 25.57
CA ALA B 300 -4.38 -18.50 25.07
C ALA B 300 -5.28 -17.31 25.36
N PHE B 301 -5.00 -16.57 26.45
CA PHE B 301 -5.72 -15.33 26.73
C PHE B 301 -5.29 -14.21 25.78
N LEU B 302 -3.99 -14.11 25.48
CA LEU B 302 -3.56 -13.16 24.48
C LEU B 302 -4.23 -13.46 23.14
N GLN B 303 -4.30 -14.74 22.76
CA GLN B 303 -4.92 -15.09 21.48
C GLN B 303 -6.38 -14.68 21.45
N GLN B 304 -7.12 -14.91 22.55
CA GLN B 304 -8.51 -14.51 22.62
C GLN B 304 -8.66 -13.00 22.51
N VAL B 305 -7.78 -12.24 23.17
CA VAL B 305 -7.85 -10.78 23.06
C VAL B 305 -7.69 -10.38 21.59
N MET B 306 -6.69 -10.96 20.89
CA MET B 306 -6.43 -10.60 19.49
C MET B 306 -7.65 -10.91 18.64
N LYS B 307 -8.24 -12.09 18.85
CA LYS B 307 -9.37 -12.52 18.05
C LYS B 307 -10.57 -11.59 18.24
N ASP B 308 -10.96 -11.32 19.50
CA ASP B 308 -12.08 -10.43 19.77
C ASP B 308 -11.81 -9.03 19.26
N GLY B 309 -10.59 -8.51 19.51
CA GLY B 309 -10.26 -7.17 19.05
C GLY B 309 -10.32 -7.01 17.54
N ALA B 310 -9.67 -7.93 16.80
CA ALA B 310 -9.63 -7.79 15.35
C ALA B 310 -11.03 -7.86 14.75
N GLU B 311 -11.90 -8.67 15.35
CA GLU B 311 -13.28 -8.71 14.90
C GLU B 311 -13.99 -7.38 15.15
N LYS B 312 -13.82 -6.81 16.35
CA LYS B 312 -14.40 -5.48 16.64
C LYS B 312 -13.82 -4.42 15.72
N ALA B 313 -12.51 -4.44 15.52
CA ALA B 313 -11.89 -3.48 14.62
C ALA B 313 -12.47 -3.61 13.20
N SER B 314 -12.56 -4.84 12.69
CA SER B 314 -12.99 -5.07 11.29
C SER B 314 -14.39 -4.49 11.02
N ALA B 315 -15.34 -4.63 11.94
CA ALA B 315 -16.68 -4.10 11.68
C ALA B 315 -16.62 -2.59 11.40
N HIS B 316 -15.79 -1.87 12.15
CA HIS B 316 -15.65 -0.44 11.90
C HIS B 316 -14.85 -0.17 10.64
N ALA B 317 -13.70 -0.85 10.48
CA ALA B 317 -12.81 -0.54 9.37
C ALA B 317 -13.48 -0.85 8.04
N SER B 318 -14.26 -1.93 8.00
CA SER B 318 -14.85 -2.31 6.73
C SER B 318 -15.96 -1.35 6.34
N ARG B 319 -16.62 -0.76 7.33
CA ARG B 319 -17.65 0.25 7.06
C ARG B 319 -17.03 1.50 6.46
N THR B 320 -15.92 1.99 7.02
CA THR B 320 -15.25 3.11 6.41
C THR B 320 -14.70 2.76 5.02
N LEU B 321 -14.06 1.58 4.88
CA LEU B 321 -13.44 1.25 3.59
C LEU B 321 -14.48 1.12 2.47
N LYS B 322 -15.61 0.47 2.76
CA LYS B 322 -16.71 0.41 1.80
C LYS B 322 -17.07 1.80 1.30
N ALA B 323 -17.13 2.79 2.21
CA ALA B 323 -17.50 4.15 1.85
C ALA B 323 -16.41 4.82 0.99
N VAL B 324 -15.14 4.59 1.34
CA VAL B 324 -14.05 5.09 0.51
C VAL B 324 -14.10 4.47 -0.90
N TYR B 325 -14.36 3.18 -0.98
CA TYR B 325 -14.36 2.54 -2.30
C TYR B 325 -15.53 3.02 -3.12
N GLU B 326 -16.70 3.22 -2.49
CA GLU B 326 -17.85 3.78 -3.20
C GLU B 326 -17.51 5.14 -3.75
N ALA B 327 -16.87 5.97 -2.95
CA ALA B 327 -16.58 7.35 -3.34
C ALA B 327 -15.54 7.44 -4.45
N ILE B 328 -14.46 6.66 -4.38
CA ILE B 328 -13.43 6.87 -5.39
C ILE B 328 -13.80 6.24 -6.73
N GLY B 329 -14.81 5.38 -6.78
CA GLY B 329 -15.27 4.81 -8.04
C GLY B 329 -15.09 3.32 -8.25
N PHE B 330 -14.65 2.55 -7.25
CA PHE B 330 -14.48 1.11 -7.38
C PHE B 330 -15.82 0.37 -7.51
N VAL B 331 -15.85 -0.64 -8.38
CA VAL B 331 -16.94 -1.60 -8.36
C VAL B 331 -16.89 -2.34 -7.03
N ALA B 332 -18.01 -2.37 -6.32
CA ALA B 332 -18.08 -3.06 -5.04
C ALA B 332 -17.99 -4.57 -5.26
N LYS B 333 -17.26 -5.26 -4.39
CA LYS B 333 -17.19 -6.72 -4.47
C LYS B 333 -18.59 -7.31 -4.31
N PRO B 334 -18.97 -8.29 -5.12
CA PRO B 334 -20.29 -8.92 -4.94
C PRO B 334 -20.38 -9.64 -3.60
N HIS B 335 -21.59 -9.69 -3.04
CA HIS B 335 -21.78 -10.32 -1.73
C HIS B 335 -21.76 -11.85 -1.85
#